data_2WYV
#
_entry.id   2WYV
#
_cell.length_a   54.270
_cell.length_b   107.800
_cell.length_c   85.980
_cell.angle_alpha   90.00
_cell.angle_beta   95.89
_cell.angle_gamma   90.00
#
_symmetry.space_group_name_H-M   'P 1 21 1'
#
loop_
_entity.id
_entity.type
_entity.pdbx_description
1 polymer 'ENOYL-[ACYL CARRIER PROTEIN] REDUCTASE'
2 non-polymer 'SODIUM ION'
3 non-polymer NICOTINAMIDE-ADENINE-DINUCLEOTIDE
4 water water
#
_entity_poly.entity_id   1
_entity_poly.type   'polypeptide(L)'
_entity_poly.pdbx_seq_one_letter_code
;MLTVDLSGKKALVMGVTNQRSLGFAIAAKLKEAGAEVALSYQAERLRPEAEKLAEALGGALLFRADVTQDEELDALFAGV
KEAFGGLDYLVHAIAFAPREAMEGRYIDTRRQDWLLALEVSAYSLVAVARRAEPLLREGGGIVTLTYYASEKVVPKYNVM
AIAKAALEASVRYLAYELGPKGVRVNAISAGPVRTVAARSIPGFTKMYDRVAQTAPLRRNITQEEVGNLGLFLLSPLASG
ITGEVVYVDAGYHIMGMELEG
;
_entity_poly.pdbx_strand_id   A,B,C,D
#
loop_
_chem_comp.id
_chem_comp.type
_chem_comp.name
_chem_comp.formula
NA non-polymer 'SODIUM ION' 'Na 1'
NAD non-polymer NICOTINAMIDE-ADENINE-DINUCLEOTIDE 'C21 H27 N7 O14 P2'
#
# COMPACT_ATOMS: atom_id res chain seq x y z
N MET A 1 -11.20 25.13 -26.03
CA MET A 1 -11.67 23.75 -25.73
C MET A 1 -10.68 22.74 -26.20
N LEU A 2 -10.59 21.62 -25.49
CA LEU A 2 -9.76 20.51 -25.89
C LEU A 2 -10.69 19.41 -26.40
N THR A 3 -10.38 18.84 -27.56
CA THR A 3 -11.19 17.74 -28.07
C THR A 3 -10.35 16.44 -28.25
N VAL A 4 -10.93 15.30 -27.86
CA VAL A 4 -10.32 13.98 -28.09
C VAL A 4 -11.12 13.22 -29.16
N ASP A 5 -10.50 13.00 -30.32
CA ASP A 5 -11.15 12.38 -31.47
C ASP A 5 -10.62 10.99 -31.73
N LEU A 6 -11.43 9.97 -31.47
CA LEU A 6 -10.97 8.58 -31.67
C LEU A 6 -11.36 7.94 -33.03
N SER A 7 -11.82 8.74 -33.97
CA SER A 7 -12.20 8.24 -35.30
C SER A 7 -11.09 7.36 -35.86
N GLY A 8 -11.46 6.23 -36.44
CA GLY A 8 -10.47 5.34 -37.04
C GLY A 8 -9.96 4.27 -36.08
N LYS A 9 -10.13 4.48 -34.78
CA LYS A 9 -9.63 3.55 -33.75
C LYS A 9 -10.62 2.42 -33.54
N LYS A 10 -10.12 1.25 -33.16
CA LYS A 10 -10.95 0.05 -33.06
C LYS A 10 -10.83 -0.60 -31.67
N ALA A 11 -11.98 -0.88 -31.07
CA ALA A 11 -12.11 -1.38 -29.70
C ALA A 11 -12.90 -2.70 -29.61
N LEU A 12 -12.37 -3.63 -28.83
CA LEU A 12 -13.05 -4.85 -28.45
C LEU A 12 -13.47 -4.80 -26.96
N VAL A 13 -14.78 -4.88 -26.69
CA VAL A 13 -15.32 -4.81 -25.35
C VAL A 13 -15.93 -6.17 -24.92
N MET A 14 -15.41 -6.74 -23.82
CA MET A 14 -15.74 -8.09 -23.39
C MET A 14 -16.40 -8.10 -22.02
N GLY A 15 -17.44 -8.90 -21.89
CA GLY A 15 -18.10 -9.13 -20.59
C GLY A 15 -19.39 -8.39 -20.32
N VAL A 16 -19.87 -7.60 -21.29
CA VAL A 16 -21.06 -6.75 -21.07
C VAL A 16 -22.36 -7.52 -21.35
N THR A 17 -23.29 -7.49 -20.39
CA THR A 17 -24.62 -8.14 -20.53
C THR A 17 -25.87 -7.25 -20.31
N ASN A 18 -25.70 -6.02 -19.80
CA ASN A 18 -26.86 -5.14 -19.43
C ASN A 18 -26.40 -3.68 -19.60
N GLN A 19 -27.31 -2.77 -19.90
CA GLN A 19 -26.96 -1.34 -20.02
C GLN A 19 -26.57 -0.68 -18.72
N ARG A 20 -26.99 -1.26 -17.60
CA ARG A 20 -26.55 -0.83 -16.29
C ARG A 20 -25.39 -1.72 -15.89
N SER A 21 -24.23 -1.35 -16.42
CA SER A 21 -22.98 -2.04 -16.10
C SER A 21 -21.86 -1.06 -16.38
N LEU A 22 -20.79 -1.20 -15.63
CA LEU A 22 -19.62 -0.35 -15.79
C LEU A 22 -18.99 -0.61 -17.16
N GLY A 23 -19.04 -1.85 -17.64
CA GLY A 23 -18.52 -2.18 -18.99
C GLY A 23 -19.28 -1.49 -20.12
N PHE A 24 -20.62 -1.46 -20.02
CA PHE A 24 -21.40 -0.71 -20.99
C PHE A 24 -21.04 0.78 -20.99
N ALA A 25 -20.95 1.37 -19.81
CA ALA A 25 -20.60 2.79 -19.62
C ALA A 25 -19.32 3.18 -20.36
N ILE A 26 -18.26 2.33 -20.28
CA ILE A 26 -17.03 2.58 -21.01
C ILE A 26 -17.19 2.45 -22.54
N ALA A 27 -17.91 1.41 -23.00
CA ALA A 27 -18.17 1.25 -24.45
C ALA A 27 -18.95 2.46 -25.01
N ALA A 28 -19.93 2.95 -24.24
CA ALA A 28 -20.75 4.09 -24.65
C ALA A 28 -19.90 5.36 -24.79
N LYS A 29 -18.99 5.61 -23.82
CA LYS A 29 -18.02 6.73 -23.94
C LYS A 29 -17.06 6.56 -25.11
N LEU A 30 -16.61 5.34 -25.42
CA LEU A 30 -15.76 5.14 -26.63
C LEU A 30 -16.51 5.48 -27.95
N LYS A 31 -17.79 5.10 -28.03
CA LYS A 31 -18.65 5.49 -29.17
C LYS A 31 -18.78 6.99 -29.26
N GLU A 32 -19.08 7.63 -28.13
CA GLU A 32 -19.21 9.09 -28.07
C GLU A 32 -17.94 9.80 -28.57
N ALA A 33 -16.78 9.21 -28.31
CA ALA A 33 -15.51 9.79 -28.73
C ALA A 33 -15.11 9.47 -30.19
N GLY A 34 -15.85 8.58 -30.85
CA GLY A 34 -15.63 8.32 -32.28
C GLY A 34 -15.02 6.98 -32.68
N ALA A 35 -14.71 6.13 -31.72
CA ALA A 35 -14.19 4.78 -32.02
C ALA A 35 -15.29 3.83 -32.50
N GLU A 36 -14.89 2.82 -33.28
CA GLU A 36 -15.75 1.66 -33.56
C GLU A 36 -15.54 0.56 -32.51
N VAL A 37 -16.66 0.03 -31.99
CA VAL A 37 -16.71 -1.01 -30.96
C VAL A 37 -17.22 -2.37 -31.47
N ALA A 38 -16.53 -3.42 -31.07
CA ALA A 38 -17.01 -4.79 -31.20
C ALA A 38 -17.26 -5.31 -29.80
N LEU A 39 -18.41 -5.97 -29.63
CA LEU A 39 -18.79 -6.67 -28.41
C LEU A 39 -18.69 -8.21 -28.55
N SER A 40 -18.13 -8.84 -27.52
CA SER A 40 -18.26 -10.28 -27.36
C SER A 40 -19.57 -10.61 -26.63
N TYR A 41 -20.09 -11.81 -26.90
CA TYR A 41 -21.18 -12.37 -26.11
C TYR A 41 -20.90 -13.87 -25.86
N GLN A 42 -21.41 -14.38 -24.75
CA GLN A 42 -20.93 -15.65 -24.22
C GLN A 42 -21.42 -16.89 -24.97
N ALA A 43 -22.70 -16.86 -25.35
CA ALA A 43 -23.41 -18.05 -25.90
C ALA A 43 -24.49 -17.61 -26.88
N GLU A 44 -24.80 -18.47 -27.86
CA GLU A 44 -25.74 -18.08 -28.92
C GLU A 44 -27.17 -17.79 -28.38
N ARG A 45 -27.58 -18.41 -27.28
CA ARG A 45 -28.90 -18.09 -26.71
C ARG A 45 -29.00 -16.64 -26.22
N LEU A 46 -27.84 -15.98 -26.10
CA LEU A 46 -27.80 -14.57 -25.66
C LEU A 46 -27.71 -13.57 -26.82
N ARG A 47 -27.78 -14.07 -28.06
CA ARG A 47 -27.65 -13.21 -29.25
C ARG A 47 -28.67 -12.06 -29.27
N PRO A 48 -29.95 -12.34 -28.91
CA PRO A 48 -30.94 -11.27 -28.89
C PRO A 48 -30.55 -10.15 -27.94
N GLU A 49 -30.17 -10.52 -26.73
CA GLU A 49 -29.71 -9.55 -25.74
C GLU A 49 -28.49 -8.75 -26.20
N ALA A 50 -27.55 -9.43 -26.87
CA ALA A 50 -26.36 -8.79 -27.43
C ALA A 50 -26.73 -7.79 -28.55
N GLU A 51 -27.72 -8.16 -29.36
CA GLU A 51 -28.23 -7.27 -30.42
C GLU A 51 -28.86 -5.99 -29.86
N LYS A 52 -29.65 -6.10 -28.78
CA LYS A 52 -30.19 -4.92 -28.09
C LYS A 52 -29.12 -3.98 -27.51
N LEU A 53 -28.05 -4.57 -26.96
CA LEU A 53 -26.92 -3.79 -26.44
C LEU A 53 -26.26 -3.02 -27.59
N ALA A 54 -26.01 -3.73 -28.69
CA ALA A 54 -25.39 -3.17 -29.89
C ALA A 54 -26.21 -1.99 -30.45
N GLU A 55 -27.54 -2.11 -30.40
CA GLU A 55 -28.42 -1.05 -30.81
C GLU A 55 -28.36 0.15 -29.84
N ALA A 56 -28.36 -0.13 -28.54
CA ALA A 56 -28.28 0.91 -27.51
C ALA A 56 -26.98 1.71 -27.60
N LEU A 57 -25.92 1.09 -28.11
CA LEU A 57 -24.64 1.76 -28.36
C LEU A 57 -24.60 2.53 -29.67
N GLY A 58 -25.67 2.43 -30.47
CA GLY A 58 -25.69 3.08 -31.78
C GLY A 58 -24.94 2.30 -32.86
N GLY A 59 -24.84 0.99 -32.68
CA GLY A 59 -24.12 0.13 -33.63
C GLY A 59 -22.87 -0.50 -33.03
N ALA A 60 -22.70 -1.83 -33.24
CA ALA A 60 -21.50 -2.59 -32.85
C ALA A 60 -21.45 -3.96 -33.57
N LEU A 61 -20.25 -4.37 -34.01
CA LEU A 61 -19.99 -5.78 -34.48
C LEU A 61 -20.16 -6.72 -33.30
N LEU A 62 -20.63 -7.94 -33.54
CA LEU A 62 -20.85 -8.93 -32.44
C LEU A 62 -20.06 -10.19 -32.75
N PHE A 63 -19.39 -10.74 -31.73
CA PHE A 63 -18.66 -12.03 -31.81
C PHE A 63 -18.99 -12.95 -30.60
N ARG A 64 -19.32 -14.21 -30.90
CA ARG A 64 -19.55 -15.20 -29.85
C ARG A 64 -18.25 -15.79 -29.36
N ALA A 65 -18.08 -15.85 -28.02
CA ALA A 65 -17.01 -16.67 -27.43
C ALA A 65 -17.14 -16.75 -25.92
N ASP A 66 -16.91 -17.94 -25.38
CA ASP A 66 -16.86 -18.16 -23.95
C ASP A 66 -15.38 -18.16 -23.54
N VAL A 67 -15.00 -17.29 -22.59
CA VAL A 67 -13.57 -17.06 -22.26
C VAL A 67 -12.94 -18.24 -21.52
N THR A 68 -13.71 -19.24 -21.14
CA THR A 68 -13.11 -20.46 -20.61
C THR A 68 -12.71 -21.42 -21.74
N GLN A 69 -12.98 -21.08 -23.01
CA GLN A 69 -12.70 -21.99 -24.15
C GLN A 69 -11.67 -21.44 -25.13
N ASP A 70 -10.44 -21.97 -25.09
CA ASP A 70 -9.33 -21.41 -25.86
C ASP A 70 -9.51 -21.37 -27.40
N GLU A 71 -10.08 -22.44 -27.96
CA GLU A 71 -10.38 -22.53 -29.41
C GLU A 71 -11.40 -21.47 -29.82
N GLU A 72 -12.35 -21.19 -28.93
CA GLU A 72 -13.33 -20.15 -29.20
C GLU A 72 -12.67 -18.75 -29.19
N LEU A 73 -11.72 -18.56 -28.30
CA LEU A 73 -10.99 -17.30 -28.23
C LEU A 73 -10.15 -17.12 -29.48
N ASP A 74 -9.55 -18.23 -29.95
CA ASP A 74 -8.75 -18.16 -31.19
C ASP A 74 -9.63 -17.74 -32.36
N ALA A 75 -10.82 -18.33 -32.44
CA ALA A 75 -11.82 -17.95 -33.45
C ALA A 75 -12.28 -16.49 -33.37
N LEU A 76 -12.61 -16.02 -32.16
CA LEU A 76 -13.01 -14.62 -31.95
C LEU A 76 -11.95 -13.64 -32.46
N PHE A 77 -10.69 -13.89 -32.11
CA PHE A 77 -9.60 -13.03 -32.54
C PHE A 77 -9.27 -13.13 -34.04
N ALA A 78 -9.54 -14.30 -34.64
CA ALA A 78 -9.50 -14.44 -36.11
C ALA A 78 -10.52 -13.54 -36.79
N GLY A 79 -11.75 -13.48 -36.26
CA GLY A 79 -12.81 -12.64 -36.81
C GLY A 79 -12.56 -11.15 -36.64
N VAL A 80 -12.09 -10.78 -35.44
CA VAL A 80 -11.72 -9.41 -35.15
C VAL A 80 -10.60 -8.94 -36.13
N LYS A 81 -9.62 -9.79 -36.38
CA LYS A 81 -8.54 -9.45 -37.30
C LYS A 81 -9.07 -9.29 -38.74
N GLU A 82 -9.99 -10.16 -39.13
CA GLU A 82 -10.61 -10.08 -40.46
C GLU A 82 -11.47 -8.83 -40.61
N ALA A 83 -12.21 -8.46 -39.56
CA ALA A 83 -13.10 -7.29 -39.59
C ALA A 83 -12.36 -5.94 -39.53
N PHE A 84 -11.39 -5.83 -38.60
CA PHE A 84 -10.71 -4.57 -38.28
C PHE A 84 -9.29 -4.47 -38.90
N GLY A 85 -8.64 -5.60 -39.12
CA GLY A 85 -7.22 -5.59 -39.50
C GLY A 85 -6.24 -5.56 -38.34
N GLY A 86 -6.40 -4.58 -37.46
CA GLY A 86 -5.61 -4.50 -36.21
C GLY A 86 -6.55 -4.06 -35.10
N LEU A 87 -6.01 -3.77 -33.92
CA LEU A 87 -6.83 -3.31 -32.78
C LEU A 87 -6.13 -2.16 -32.05
N ASP A 88 -6.91 -1.28 -31.45
CA ASP A 88 -6.36 -0.24 -30.58
C ASP A 88 -6.63 -0.48 -29.09
N TYR A 89 -7.89 -0.75 -28.73
CA TYR A 89 -8.33 -0.89 -27.33
C TYR A 89 -9.02 -2.22 -27.02
N LEU A 90 -8.80 -2.71 -25.79
CA LEU A 90 -9.48 -3.88 -25.20
C LEU A 90 -10.02 -3.51 -23.81
N VAL A 91 -11.32 -3.65 -23.64
CA VAL A 91 -12.00 -3.38 -22.37
C VAL A 91 -12.42 -4.73 -21.75
N HIS A 92 -11.87 -5.06 -20.57
CA HIS A 92 -12.11 -6.32 -19.89
C HIS A 92 -13.05 -6.07 -18.69
N ALA A 93 -14.31 -6.43 -18.87
CA ALA A 93 -15.34 -6.27 -17.86
C ALA A 93 -15.99 -7.61 -17.55
N ILE A 94 -15.15 -8.64 -17.41
CA ILE A 94 -15.58 -10.02 -17.10
C ILE A 94 -15.39 -10.34 -15.63
N ALA A 95 -16.47 -10.70 -14.95
CA ALA A 95 -16.40 -11.11 -13.55
C ALA A 95 -17.51 -12.11 -13.27
N PHE A 96 -17.16 -13.20 -12.56
CA PHE A 96 -18.11 -14.25 -12.15
C PHE A 96 -17.62 -15.05 -10.96
N ALA A 97 -18.54 -15.39 -10.06
CA ALA A 97 -18.32 -16.45 -9.08
C ALA A 97 -19.65 -17.19 -8.80
N PRO A 98 -19.57 -18.50 -8.54
CA PRO A 98 -20.78 -19.28 -8.22
C PRO A 98 -21.54 -18.78 -6.99
N ARG A 99 -22.88 -18.84 -7.04
CA ARG A 99 -23.73 -18.36 -5.93
C ARG A 99 -23.33 -18.96 -4.59
N GLU A 100 -22.99 -20.24 -4.61
CA GLU A 100 -22.68 -20.98 -3.41
C GLU A 100 -21.41 -20.43 -2.75
N ALA A 101 -20.44 -20.04 -3.59
CA ALA A 101 -19.21 -19.41 -3.08
C ALA A 101 -19.48 -18.04 -2.42
N MET A 102 -20.53 -17.34 -2.85
CA MET A 102 -20.82 -16.00 -2.37
C MET A 102 -21.81 -15.98 -1.19
N GLU A 103 -22.62 -17.01 -1.02
CA GLU A 103 -23.46 -17.15 0.20
C GLU A 103 -22.67 -17.78 1.36
N GLY A 104 -22.86 -17.35 2.58
CA GLY A 104 -22.01 -17.92 3.66
C GLY A 104 -20.54 -17.43 3.68
N ARG A 105 -19.60 -18.28 4.15
CA ARG A 105 -18.25 -17.82 4.57
C ARG A 105 -17.16 -18.12 3.53
N TYR A 106 -16.20 -17.20 3.37
CA TYR A 106 -15.04 -17.45 2.50
C TYR A 106 -14.30 -18.73 2.86
N ILE A 107 -14.16 -19.00 4.16
CA ILE A 107 -13.45 -20.20 4.63
C ILE A 107 -14.12 -21.49 4.12
N ASP A 108 -15.41 -21.41 3.84
CA ASP A 108 -16.19 -22.56 3.38
C ASP A 108 -16.28 -22.72 1.85
N THR A 109 -15.48 -21.96 1.09
CA THR A 109 -15.47 -22.06 -0.38
C THR A 109 -14.97 -23.42 -0.89
N ARG A 110 -15.72 -24.00 -1.82
CA ARG A 110 -15.39 -25.31 -2.40
C ARG A 110 -14.39 -25.13 -3.52
N ARG A 111 -13.56 -26.15 -3.70
CA ARG A 111 -12.41 -26.16 -4.62
C ARG A 111 -12.72 -25.77 -6.07
N GLN A 112 -13.61 -26.51 -6.73
CA GLN A 112 -13.94 -26.19 -8.12
C GLN A 112 -14.67 -24.83 -8.29
N ASP A 113 -15.44 -24.39 -7.28
CA ASP A 113 -16.09 -23.08 -7.32
C ASP A 113 -15.02 -21.93 -7.25
N TRP A 114 -14.01 -22.14 -6.42
CA TRP A 114 -12.93 -21.16 -6.22
C TRP A 114 -12.12 -21.05 -7.51
N LEU A 115 -11.76 -22.20 -8.04
CA LEU A 115 -11.05 -22.24 -9.32
C LEU A 115 -11.84 -21.63 -10.51
N LEU A 116 -13.15 -21.89 -10.61
CA LEU A 116 -13.95 -21.26 -11.68
C LEU A 116 -14.02 -19.71 -11.55
N ALA A 117 -14.17 -19.21 -10.32
CA ALA A 117 -14.17 -17.80 -10.05
C ALA A 117 -12.86 -17.18 -10.55
N LEU A 118 -11.75 -17.77 -10.12
CA LEU A 118 -10.43 -17.30 -10.54
C LEU A 118 -10.21 -17.41 -12.06
N GLU A 119 -10.61 -18.52 -12.68
CA GLU A 119 -10.45 -18.74 -14.17
C GLU A 119 -11.19 -17.67 -15.00
N VAL A 120 -12.44 -17.41 -14.61
CA VAL A 120 -13.27 -16.46 -15.33
C VAL A 120 -12.91 -14.97 -15.00
N SER A 121 -12.73 -14.65 -13.72
CA SER A 121 -12.50 -13.26 -13.27
C SER A 121 -11.06 -12.72 -13.40
N ALA A 122 -10.05 -13.59 -13.57
CA ALA A 122 -8.63 -13.18 -13.54
C ALA A 122 -7.85 -13.77 -14.70
N TYR A 123 -7.88 -15.10 -14.87
CA TYR A 123 -7.12 -15.72 -16.00
C TYR A 123 -7.57 -15.21 -17.37
N SER A 124 -8.87 -14.93 -17.51
CA SER A 124 -9.42 -14.38 -18.76
C SER A 124 -8.60 -13.18 -19.32
N LEU A 125 -8.04 -12.34 -18.44
CA LEU A 125 -7.30 -11.17 -18.87
C LEU A 125 -6.04 -11.60 -19.61
N VAL A 126 -5.38 -12.65 -19.10
CA VAL A 126 -4.14 -13.16 -19.72
C VAL A 126 -4.50 -13.79 -21.07
N ALA A 127 -5.57 -14.59 -21.08
CA ALA A 127 -6.02 -15.29 -22.30
C ALA A 127 -6.32 -14.32 -23.46
N VAL A 128 -6.98 -13.21 -23.16
CA VAL A 128 -7.33 -12.25 -24.22
C VAL A 128 -6.15 -11.31 -24.57
N ALA A 129 -5.32 -10.97 -23.58
CA ALA A 129 -4.17 -10.08 -23.79
C ALA A 129 -3.20 -10.76 -24.75
N ARG A 130 -2.95 -12.04 -24.52
CA ARG A 130 -2.03 -12.80 -25.38
C ARG A 130 -2.45 -12.85 -26.85
N ARG A 131 -3.76 -12.99 -27.06
CA ARG A 131 -4.30 -13.10 -28.40
C ARG A 131 -4.44 -11.73 -29.06
N ALA A 132 -4.69 -10.70 -28.25
CA ALA A 132 -4.71 -9.32 -28.73
C ALA A 132 -3.33 -8.77 -29.11
N GLU A 133 -2.28 -9.23 -28.43
CA GLU A 133 -0.92 -8.70 -28.61
C GLU A 133 -0.47 -8.45 -30.08
N PRO A 134 -0.59 -9.46 -30.98
CA PRO A 134 -0.13 -9.23 -32.37
C PRO A 134 -1.01 -8.30 -33.21
N LEU A 135 -2.25 -8.09 -32.77
CA LEU A 135 -3.19 -7.14 -33.38
C LEU A 135 -3.01 -5.69 -32.88
N LEU A 136 -2.58 -5.54 -31.63
CA LEU A 136 -2.56 -4.24 -30.96
C LEU A 136 -1.49 -3.35 -31.54
N ARG A 137 -1.92 -2.16 -31.95
CA ARG A 137 -1.05 -1.16 -32.56
C ARG A 137 -0.37 -0.31 -31.48
N GLU A 138 0.80 0.24 -31.80
CA GLU A 138 1.46 1.25 -30.96
C GLU A 138 0.45 2.32 -30.51
N GLY A 139 0.49 2.68 -29.23
CA GLY A 139 -0.47 3.60 -28.64
C GLY A 139 -1.72 2.94 -28.06
N GLY A 140 -1.88 1.65 -28.32
CA GLY A 140 -3.06 0.93 -27.88
C GLY A 140 -3.04 0.63 -26.39
N GLY A 141 -4.12 0.00 -25.89
CA GLY A 141 -4.19 -0.33 -24.49
C GLY A 141 -5.32 -1.24 -24.06
N ILE A 142 -5.18 -1.75 -22.83
CA ILE A 142 -6.14 -2.64 -22.17
C ILE A 142 -6.55 -2.00 -20.84
N VAL A 143 -7.85 -2.00 -20.55
CA VAL A 143 -8.38 -1.51 -19.26
C VAL A 143 -9.29 -2.58 -18.64
N THR A 144 -9.19 -2.75 -17.33
CA THR A 144 -10.03 -3.70 -16.58
C THR A 144 -10.59 -3.04 -15.32
N LEU A 145 -11.55 -3.71 -14.67
CA LEU A 145 -12.25 -3.21 -13.50
C LEU A 145 -11.97 -3.99 -12.21
N THR A 146 -11.95 -3.29 -11.07
CA THR A 146 -11.70 -3.92 -9.79
C THR A 146 -12.43 -3.18 -8.66
N TYR A 147 -12.16 -3.56 -7.42
CA TYR A 147 -12.77 -2.89 -6.26
C TYR A 147 -11.99 -3.08 -4.94
N TYR A 148 -12.24 -2.17 -3.97
CA TYR A 148 -11.57 -2.06 -2.69
C TYR A 148 -11.42 -3.38 -1.89
N ALA A 149 -12.38 -4.30 -2.07
CA ALA A 149 -12.36 -5.61 -1.41
C ALA A 149 -11.06 -6.41 -1.68
N SER A 150 -10.41 -6.13 -2.81
CA SER A 150 -9.05 -6.70 -3.06
C SER A 150 -8.04 -6.39 -1.93
N GLU A 151 -8.07 -5.16 -1.40
CA GLU A 151 -7.06 -4.68 -0.46
C GLU A 151 -7.50 -4.73 1.01
N LYS A 152 -8.79 -4.57 1.25
CA LYS A 152 -9.37 -4.57 2.59
C LYS A 152 -10.59 -5.54 2.65
N VAL A 153 -10.90 -6.01 3.86
CA VAL A 153 -11.99 -6.98 4.05
C VAL A 153 -13.37 -6.32 4.02
N VAL A 154 -14.15 -6.66 3.01
CA VAL A 154 -15.56 -6.24 2.93
C VAL A 154 -16.42 -7.49 3.11
N PRO A 155 -17.10 -7.62 4.26
CA PRO A 155 -17.94 -8.79 4.54
C PRO A 155 -18.74 -9.27 3.33
N LYS A 156 -18.65 -10.57 3.08
CA LYS A 156 -19.46 -11.27 2.08
C LYS A 156 -19.04 -11.02 0.62
N TYR A 157 -17.88 -10.39 0.35
CA TYR A 157 -17.37 -10.30 -1.04
C TYR A 157 -16.61 -11.59 -1.41
N ASN A 158 -16.09 -12.28 -0.39
CA ASN A 158 -15.58 -13.65 -0.48
C ASN A 158 -14.56 -13.87 -1.63
N VAL A 159 -14.74 -14.89 -2.49
CA VAL A 159 -13.73 -15.19 -3.53
C VAL A 159 -13.55 -14.10 -4.62
N MET A 160 -14.54 -13.25 -4.80
CA MET A 160 -14.40 -12.14 -5.75
C MET A 160 -13.32 -11.14 -5.31
N ALA A 161 -13.19 -10.90 -3.99
CA ALA A 161 -12.11 -10.08 -3.43
C ALA A 161 -10.75 -10.70 -3.78
N ILE A 162 -10.66 -12.02 -3.68
CA ILE A 162 -9.40 -12.73 -4.00
C ILE A 162 -9.12 -12.71 -5.53
N ALA A 163 -10.15 -12.90 -6.35
CA ALA A 163 -9.98 -12.81 -7.80
C ALA A 163 -9.49 -11.42 -8.23
N LYS A 164 -10.02 -10.37 -7.60
CA LYS A 164 -9.62 -8.99 -7.92
C LYS A 164 -8.15 -8.70 -7.53
N ALA A 165 -7.67 -9.29 -6.44
CA ALA A 165 -6.25 -9.17 -6.07
C ALA A 165 -5.34 -9.79 -7.13
N ALA A 166 -5.73 -10.97 -7.60
CA ALA A 166 -5.05 -11.67 -8.72
C ALA A 166 -5.03 -10.87 -10.01
N LEU A 167 -6.16 -10.24 -10.30
CA LEU A 167 -6.32 -9.40 -11.48
C LEU A 167 -5.43 -8.16 -11.43
N GLU A 168 -5.34 -7.49 -10.28
CA GLU A 168 -4.50 -6.30 -10.16
C GLU A 168 -2.97 -6.65 -10.34
N ALA A 169 -2.52 -7.78 -9.78
CA ALA A 169 -1.13 -8.25 -9.98
C ALA A 169 -0.88 -8.59 -11.44
N SER A 170 -1.87 -9.16 -12.10
CA SER A 170 -1.83 -9.48 -13.56
C SER A 170 -1.65 -8.23 -14.44
N VAL A 171 -2.36 -7.18 -14.09
CA VAL A 171 -2.23 -5.86 -14.74
C VAL A 171 -0.77 -5.33 -14.69
N ARG A 172 -0.08 -5.50 -13.55
CA ARG A 172 1.31 -5.06 -13.45
C ARG A 172 2.26 -5.89 -14.34
N TYR A 173 2.16 -7.21 -14.32
CA TYR A 173 3.03 -8.04 -15.19
C TYR A 173 2.76 -7.83 -16.71
N LEU A 174 1.50 -7.67 -17.08
CA LEU A 174 1.12 -7.38 -18.47
C LEU A 174 1.58 -6.00 -18.96
N ALA A 175 1.57 -5.02 -18.06
CA ALA A 175 2.14 -3.68 -18.39
C ALA A 175 3.64 -3.79 -18.71
N TYR A 176 4.33 -4.58 -17.91
CA TYR A 176 5.77 -4.82 -18.10
C TYR A 176 6.01 -5.47 -19.48
N GLU A 177 5.21 -6.47 -19.81
CA GLU A 177 5.46 -7.26 -21.01
C GLU A 177 5.01 -6.61 -22.32
N LEU A 178 3.94 -5.83 -22.29
CA LEU A 178 3.40 -5.18 -23.50
C LEU A 178 4.00 -3.79 -23.73
N GLY A 179 4.55 -3.21 -22.68
CA GLY A 179 5.04 -1.85 -22.72
C GLY A 179 6.02 -1.57 -23.86
N PRO A 180 7.00 -2.48 -24.09
CA PRO A 180 8.00 -2.26 -25.15
C PRO A 180 7.46 -2.21 -26.58
N LYS A 181 6.24 -2.72 -26.79
CA LYS A 181 5.49 -2.61 -28.05
C LYS A 181 4.71 -1.31 -28.12
N GLY A 182 4.78 -0.53 -27.05
CA GLY A 182 4.07 0.73 -26.96
C GLY A 182 2.62 0.56 -26.52
N VAL A 183 2.30 -0.51 -25.78
CA VAL A 183 0.89 -0.79 -25.34
C VAL A 183 0.78 -0.70 -23.79
N ARG A 184 -0.29 -0.07 -23.28
CA ARG A 184 -0.46 0.22 -21.85
C ARG A 184 -1.60 -0.61 -21.24
N VAL A 185 -1.49 -0.90 -19.94
CA VAL A 185 -2.44 -1.78 -19.25
C VAL A 185 -2.75 -1.15 -17.87
N ASN A 186 -4.02 -0.97 -17.53
CA ASN A 186 -4.44 -0.28 -16.28
C ASN A 186 -5.74 -0.87 -15.73
N ALA A 187 -5.99 -0.64 -14.43
CA ALA A 187 -7.22 -1.05 -13.80
C ALA A 187 -7.97 0.15 -13.17
N ILE A 188 -9.31 0.04 -13.15
CA ILE A 188 -10.15 1.06 -12.50
C ILE A 188 -10.80 0.40 -11.30
N SER A 189 -10.64 0.98 -10.09
CA SER A 189 -11.28 0.51 -8.86
C SER A 189 -12.48 1.42 -8.49
N ALA A 190 -13.66 0.90 -8.76
CA ALA A 190 -14.89 1.66 -8.72
C ALA A 190 -15.57 1.45 -7.38
N GLY A 191 -16.18 2.51 -6.86
CA GLY A 191 -17.07 2.41 -5.74
C GLY A 191 -18.32 1.62 -6.10
N PRO A 192 -19.16 1.31 -5.10
CA PRO A 192 -20.39 0.55 -5.39
C PRO A 192 -21.32 1.34 -6.34
N VAL A 193 -21.78 0.66 -7.38
CA VAL A 193 -22.69 1.21 -8.36
C VAL A 193 -23.83 0.22 -8.53
N ARG A 194 -25.04 0.77 -8.69
CA ARG A 194 -26.26 -0.03 -8.95
C ARG A 194 -26.25 -0.62 -10.37
N THR A 195 -25.63 -1.80 -10.46
CA THR A 195 -25.59 -2.58 -11.68
C THR A 195 -26.26 -3.94 -11.42
N VAL A 196 -26.35 -4.75 -12.46
CA VAL A 196 -26.90 -6.09 -12.37
C VAL A 196 -25.89 -7.03 -11.70
N ALA A 197 -24.60 -6.82 -11.98
CA ALA A 197 -23.54 -7.59 -11.32
C ALA A 197 -23.59 -7.43 -9.79
N ALA A 198 -23.87 -6.21 -9.32
CA ALA A 198 -23.95 -5.89 -7.88
C ALA A 198 -25.00 -6.72 -7.12
N ARG A 199 -26.04 -7.15 -7.83
CA ARG A 199 -27.10 -8.02 -7.27
C ARG A 199 -26.59 -9.42 -6.86
N SER A 200 -25.46 -9.86 -7.43
CA SER A 200 -24.88 -11.17 -7.11
C SER A 200 -23.85 -11.13 -5.97
N ILE A 201 -23.71 -9.98 -5.30
CA ILE A 201 -22.79 -9.80 -4.15
C ILE A 201 -23.60 -9.47 -2.87
N PRO A 202 -23.70 -10.43 -1.93
CA PRO A 202 -24.50 -10.16 -0.73
C PRO A 202 -24.01 -8.98 0.10
N GLY A 203 -22.71 -8.67 0.03
CA GLY A 203 -22.13 -7.55 0.77
C GLY A 203 -22.39 -6.17 0.18
N PHE A 204 -22.78 -6.12 -1.10
CA PHE A 204 -22.87 -4.86 -1.83
C PHE A 204 -23.69 -3.76 -1.11
N THR A 205 -24.86 -4.13 -0.60
CA THR A 205 -25.90 -3.13 -0.26
C THR A 205 -25.59 -2.25 0.99
N LYS A 206 -25.07 -2.87 2.04
CA LYS A 206 -24.65 -2.11 3.22
C LYS A 206 -23.38 -1.28 2.95
N MET A 207 -22.56 -1.69 1.99
CA MET A 207 -21.45 -0.85 1.53
C MET A 207 -21.98 0.39 0.78
N TYR A 208 -23.02 0.20 -0.03
CA TYR A 208 -23.72 1.32 -0.69
C TYR A 208 -24.17 2.39 0.33
N ASP A 209 -24.77 1.93 1.42
CA ASP A 209 -25.27 2.84 2.45
C ASP A 209 -24.14 3.56 3.19
N ARG A 210 -23.09 2.80 3.48
CA ARG A 210 -21.93 3.37 4.15
C ARG A 210 -21.22 4.46 3.33
N VAL A 211 -21.06 4.25 2.04
CA VAL A 211 -20.35 5.23 1.22
C VAL A 211 -21.09 6.59 1.21
N ALA A 212 -22.40 6.57 0.96
CA ALA A 212 -23.21 7.81 0.95
C ALA A 212 -23.13 8.55 2.29
N GLN A 213 -23.06 7.80 3.38
CA GLN A 213 -23.01 8.37 4.73
C GLN A 213 -21.63 8.88 5.17
N THR A 214 -20.56 8.34 4.59
CA THR A 214 -19.22 8.52 5.17
C THR A 214 -18.11 8.94 4.20
N ALA A 215 -18.29 8.78 2.90
CA ALA A 215 -17.29 9.21 1.93
C ALA A 215 -17.18 10.73 1.91
N PRO A 216 -16.00 11.24 1.52
CA PRO A 216 -15.78 12.70 1.47
C PRO A 216 -16.85 13.50 0.71
N LEU A 217 -17.34 13.00 -0.42
CA LEU A 217 -18.36 13.70 -1.21
C LEU A 217 -19.80 13.42 -0.69
N ARG A 218 -19.92 12.50 0.27
CA ARG A 218 -21.20 12.14 0.93
C ARG A 218 -22.30 11.71 -0.04
N ARG A 219 -21.89 10.90 -1.01
CA ARG A 219 -22.75 10.38 -2.04
C ARG A 219 -22.02 9.23 -2.73
N ASN A 220 -22.78 8.41 -3.44
CA ASN A 220 -22.19 7.36 -4.28
C ASN A 220 -21.82 7.91 -5.69
N ILE A 221 -20.92 7.20 -6.37
CA ILE A 221 -20.53 7.48 -7.76
C ILE A 221 -21.58 6.92 -8.73
N THR A 222 -21.48 7.30 -10.01
CA THR A 222 -22.38 6.87 -11.09
C THR A 222 -21.58 6.05 -12.08
N GLN A 223 -22.26 5.24 -12.89
CA GLN A 223 -21.57 4.51 -13.96
C GLN A 223 -20.95 5.42 -15.02
N GLU A 224 -21.52 6.61 -15.23
CA GLU A 224 -20.91 7.56 -16.16
C GLU A 224 -19.55 8.07 -15.66
N GLU A 225 -19.39 8.17 -14.33
CA GLU A 225 -18.12 8.60 -13.74
C GLU A 225 -17.02 7.56 -14.04
N VAL A 226 -17.37 6.27 -13.98
CA VAL A 226 -16.49 5.17 -14.34
C VAL A 226 -16.19 5.17 -15.85
N GLY A 227 -17.22 5.42 -16.68
CA GLY A 227 -17.03 5.48 -18.15
C GLY A 227 -16.05 6.57 -18.58
N ASN A 228 -16.15 7.73 -17.94
CA ASN A 228 -15.21 8.83 -18.21
C ASN A 228 -13.75 8.44 -17.90
N LEU A 229 -13.52 7.78 -16.76
CA LEU A 229 -12.15 7.36 -16.40
C LEU A 229 -11.63 6.32 -17.41
N GLY A 230 -12.45 5.36 -17.80
CA GLY A 230 -12.02 4.40 -18.85
C GLY A 230 -11.63 5.00 -20.19
N LEU A 231 -12.42 5.98 -20.64
CA LEU A 231 -12.10 6.69 -21.89
C LEU A 231 -10.76 7.43 -21.76
N PHE A 232 -10.60 8.17 -20.66
CA PHE A 232 -9.36 8.90 -20.41
C PHE A 232 -8.17 7.96 -20.48
N LEU A 233 -8.24 6.85 -19.73
CA LEU A 233 -7.11 5.89 -19.70
C LEU A 233 -6.75 5.24 -21.04
N LEU A 234 -7.74 4.99 -21.88
CA LEU A 234 -7.46 4.45 -23.25
C LEU A 234 -6.95 5.54 -24.23
N SER A 235 -7.35 6.78 -24.00
CA SER A 235 -7.07 7.88 -24.92
C SER A 235 -5.57 8.22 -24.95
N PRO A 236 -5.13 8.98 -25.97
CA PRO A 236 -3.74 9.48 -26.00
C PRO A 236 -3.40 10.47 -24.86
N LEU A 237 -4.41 11.03 -24.20
CA LEU A 237 -4.18 11.92 -23.06
C LEU A 237 -3.46 11.21 -21.91
N ALA A 238 -3.68 9.90 -21.78
CA ALA A 238 -3.10 9.12 -20.69
C ALA A 238 -1.84 8.39 -21.13
N SER A 239 -1.14 8.93 -22.13
CA SER A 239 -0.03 8.20 -22.78
C SER A 239 1.17 7.86 -21.91
N GLY A 240 1.29 8.51 -20.77
CA GLY A 240 2.37 8.22 -19.84
C GLY A 240 2.00 7.32 -18.68
N ILE A 241 0.75 6.84 -18.67
CA ILE A 241 0.18 6.09 -17.54
C ILE A 241 0.00 4.60 -17.85
N THR A 242 0.71 3.75 -17.10
CA THR A 242 0.59 2.29 -17.28
C THR A 242 0.92 1.55 -15.98
N GLY A 243 0.33 0.36 -15.83
CA GLY A 243 0.44 -0.43 -14.58
C GLY A 243 -0.33 0.06 -13.35
N GLU A 244 -1.22 1.01 -13.52
CA GLU A 244 -1.93 1.69 -12.39
C GLU A 244 -3.29 1.07 -12.02
N VAL A 245 -3.70 1.26 -10.76
CA VAL A 245 -5.05 0.99 -10.27
C VAL A 245 -5.63 2.33 -9.76
N VAL A 246 -6.54 2.94 -10.52
CA VAL A 246 -7.05 4.28 -10.22
C VAL A 246 -8.46 4.21 -9.59
N TYR A 247 -8.62 4.80 -8.40
CA TYR A 247 -9.90 4.72 -7.68
C TYR A 247 -10.86 5.81 -8.09
N VAL A 248 -12.13 5.43 -8.28
CA VAL A 248 -13.23 6.36 -8.51
C VAL A 248 -14.39 5.96 -7.58
N ASP A 249 -14.40 6.53 -6.38
CA ASP A 249 -15.27 6.07 -5.26
C ASP A 249 -15.70 7.15 -4.31
N ALA A 250 -15.73 8.39 -4.79
CA ALA A 250 -16.09 9.55 -3.94
C ALA A 250 -15.14 9.72 -2.75
N GLY A 251 -13.95 9.12 -2.86
CA GLY A 251 -12.96 9.13 -1.78
C GLY A 251 -13.14 8.15 -0.62
N TYR A 252 -14.09 7.22 -0.72
CA TYR A 252 -14.36 6.31 0.39
C TYR A 252 -13.11 5.57 0.92
N HIS A 253 -12.26 5.07 0.02
CA HIS A 253 -11.13 4.24 0.47
C HIS A 253 -10.06 4.95 1.30
N ILE A 254 -10.04 6.29 1.31
CA ILE A 254 -9.07 7.02 2.13
C ILE A 254 -9.54 7.12 3.59
N MET A 255 -10.79 6.77 3.88
CA MET A 255 -11.37 6.99 5.21
C MET A 255 -11.02 5.87 6.19
N GLY A 256 -10.87 6.24 7.46
CA GLY A 256 -10.63 5.26 8.54
C GLY A 256 -11.78 5.04 9.54
N MET A 257 -12.27 6.12 10.14
CA MET A 257 -13.20 6.06 11.31
C MET A 257 -13.78 7.43 11.67
N MET B 1 -16.83 12.98 -31.13
CA MET B 1 -15.60 13.23 -30.35
C MET B 1 -15.95 13.71 -28.93
N LEU B 2 -14.99 13.59 -28.04
CA LEU B 2 -15.15 14.11 -26.68
C LEU B 2 -14.53 15.50 -26.61
N THR B 3 -15.29 16.46 -26.07
CA THR B 3 -14.75 17.79 -25.86
C THR B 3 -14.68 18.10 -24.36
N VAL B 4 -13.63 18.80 -23.93
CA VAL B 4 -13.55 19.35 -22.56
C VAL B 4 -13.52 20.89 -22.66
N ASP B 5 -14.62 21.53 -22.26
CA ASP B 5 -14.78 22.98 -22.39
C ASP B 5 -14.86 23.67 -21.02
N LEU B 6 -13.80 24.38 -20.65
CA LEU B 6 -13.73 25.06 -19.36
C LEU B 6 -13.87 26.60 -19.49
N SER B 7 -14.56 27.07 -20.53
CA SER B 7 -14.94 28.49 -20.62
C SER B 7 -15.65 28.89 -19.33
N GLY B 8 -15.30 30.05 -18.77
CA GLY B 8 -15.97 30.55 -17.55
C GLY B 8 -15.37 30.10 -16.22
N LYS B 9 -14.50 29.09 -16.28
CA LYS B 9 -13.76 28.61 -15.12
C LYS B 9 -12.55 29.49 -14.83
N LYS B 10 -12.23 29.58 -13.55
CA LYS B 10 -11.11 30.38 -13.06
C LYS B 10 -10.11 29.49 -12.34
N ALA B 11 -8.83 29.57 -12.73
CA ALA B 11 -7.71 28.81 -12.15
C ALA B 11 -6.61 29.72 -11.56
N LEU B 12 -6.05 29.27 -10.44
CA LEU B 12 -4.87 29.87 -9.78
C LEU B 12 -3.78 28.80 -9.78
N VAL B 13 -2.64 29.11 -10.41
CA VAL B 13 -1.53 28.22 -10.49
C VAL B 13 -0.31 28.76 -9.71
N MET B 14 0.17 27.97 -8.74
CA MET B 14 1.22 28.41 -7.81
C MET B 14 2.49 27.58 -7.92
N GLY B 15 3.63 28.28 -7.97
CA GLY B 15 4.92 27.66 -7.92
C GLY B 15 5.59 27.47 -9.26
N VAL B 16 5.16 28.21 -10.29
CA VAL B 16 5.76 28.14 -11.64
C VAL B 16 6.90 29.15 -11.81
N THR B 17 8.12 28.70 -12.08
CA THR B 17 9.23 29.64 -12.30
C THR B 17 9.91 29.55 -13.65
N ASN B 18 9.54 28.55 -14.44
CA ASN B 18 10.07 28.37 -15.79
C ASN B 18 9.11 27.56 -16.65
N GLN B 19 9.30 27.60 -17.97
CA GLN B 19 8.46 26.87 -18.93
C GLN B 19 8.56 25.35 -18.84
N ARG B 20 9.54 24.84 -18.11
CA ARG B 20 9.66 23.41 -17.82
C ARG B 20 8.93 22.99 -16.56
N SER B 21 8.44 23.93 -15.76
CA SER B 21 7.66 23.57 -14.60
C SER B 21 6.50 22.65 -15.02
N LEU B 22 6.33 21.56 -14.28
CA LEU B 22 5.17 20.69 -14.45
C LEU B 22 3.93 21.52 -14.21
N GLY B 23 4.03 22.52 -13.33
CA GLY B 23 2.99 23.52 -13.13
C GLY B 23 2.62 24.32 -14.38
N PHE B 24 3.62 24.72 -15.16
CA PHE B 24 3.36 25.43 -16.42
C PHE B 24 2.65 24.51 -17.40
N ALA B 25 3.06 23.25 -17.47
CA ALA B 25 2.40 22.29 -18.40
C ALA B 25 0.89 22.14 -18.12
N ILE B 26 0.49 22.18 -16.85
CA ILE B 26 -0.94 22.08 -16.43
C ILE B 26 -1.67 23.38 -16.70
N ALA B 27 -1.03 24.50 -16.37
CA ALA B 27 -1.52 25.81 -16.76
C ALA B 27 -1.76 25.92 -18.27
N ALA B 28 -0.82 25.44 -19.09
CA ALA B 28 -1.03 25.47 -20.53
C ALA B 28 -2.29 24.73 -20.98
N LYS B 29 -2.54 23.54 -20.43
CA LYS B 29 -3.64 22.72 -20.90
C LYS B 29 -4.95 23.33 -20.43
N LEU B 30 -4.92 23.97 -19.26
CA LEU B 30 -6.12 24.62 -18.73
C LEU B 30 -6.56 25.78 -19.64
N LYS B 31 -5.57 26.54 -20.07
CA LYS B 31 -5.75 27.63 -20.98
C LYS B 31 -6.24 27.15 -22.36
N GLU B 32 -5.59 26.12 -22.91
CA GLU B 32 -6.06 25.49 -24.15
C GLU B 32 -7.52 25.09 -24.04
N ALA B 33 -7.91 24.49 -22.91
CA ALA B 33 -9.32 24.09 -22.64
C ALA B 33 -10.32 25.25 -22.44
N GLY B 34 -9.83 26.47 -22.23
CA GLY B 34 -10.67 27.67 -22.20
C GLY B 34 -10.77 28.43 -20.89
N ALA B 35 -10.06 27.98 -19.86
CA ALA B 35 -10.12 28.62 -18.54
C ALA B 35 -9.27 29.91 -18.50
N GLU B 36 -9.59 30.82 -17.57
CA GLU B 36 -8.72 31.99 -17.27
C GLU B 36 -7.76 31.62 -16.14
N VAL B 37 -6.49 32.00 -16.31
CA VAL B 37 -5.41 31.57 -15.39
C VAL B 37 -4.76 32.74 -14.69
N ALA B 38 -4.52 32.56 -13.38
CA ALA B 38 -3.71 33.47 -12.58
C ALA B 38 -2.49 32.69 -12.10
N LEU B 39 -1.29 33.30 -12.20
CA LEU B 39 -0.04 32.72 -11.74
C LEU B 39 0.47 33.51 -10.55
N SER B 40 0.97 32.83 -9.52
CA SER B 40 1.61 33.56 -8.43
C SER B 40 3.14 33.58 -8.70
N TYR B 41 3.82 34.60 -8.17
CA TYR B 41 5.29 34.63 -8.17
C TYR B 41 5.80 35.09 -6.79
N GLN B 42 7.01 34.65 -6.43
CA GLN B 42 7.54 34.77 -5.04
C GLN B 42 7.93 36.17 -4.54
N ALA B 43 8.57 36.97 -5.41
CA ALA B 43 9.01 38.30 -5.01
C ALA B 43 9.18 39.20 -6.25
N GLU B 44 9.32 40.51 -6.06
CA GLU B 44 9.26 41.46 -7.20
C GLU B 44 10.50 41.40 -8.13
N ARG B 45 11.61 40.86 -7.63
CA ARG B 45 12.81 40.66 -8.47
C ARG B 45 12.63 39.60 -9.57
N LEU B 46 11.63 38.74 -9.40
CA LEU B 46 11.29 37.71 -10.40
C LEU B 46 10.08 38.11 -11.30
N ARG B 47 9.53 39.31 -11.11
CA ARG B 47 8.46 39.84 -11.95
C ARG B 47 8.73 39.67 -13.46
N PRO B 48 9.97 39.97 -13.90
CA PRO B 48 10.33 39.78 -15.32
C PRO B 48 10.04 38.38 -15.86
N GLU B 49 10.46 37.35 -15.13
CA GLU B 49 10.23 35.97 -15.59
C GLU B 49 8.73 35.63 -15.54
N ALA B 50 8.03 36.13 -14.53
CA ALA B 50 6.59 35.87 -14.44
C ALA B 50 5.85 36.48 -15.64
N GLU B 51 6.24 37.68 -16.03
CA GLU B 51 5.64 38.33 -17.20
C GLU B 51 5.84 37.51 -18.47
N LYS B 52 7.02 36.93 -18.61
CA LYS B 52 7.37 36.09 -19.76
C LYS B 52 6.50 34.82 -19.82
N LEU B 53 6.26 34.20 -18.66
CA LEU B 53 5.40 33.01 -18.57
C LEU B 53 3.95 33.36 -18.92
N ALA B 54 3.49 34.52 -18.48
CA ALA B 54 2.14 34.97 -18.77
C ALA B 54 1.94 35.18 -20.28
N GLU B 55 2.98 35.69 -20.94
CA GLU B 55 3.01 35.87 -22.40
C GLU B 55 3.07 34.53 -23.14
N ALA B 56 3.80 33.56 -22.60
CA ALA B 56 3.92 32.23 -23.23
C ALA B 56 2.64 31.42 -23.12
N LEU B 57 1.83 31.70 -22.08
CA LEU B 57 0.52 31.08 -21.94
C LEU B 57 -0.52 31.75 -22.84
N GLY B 58 -0.19 32.89 -23.45
CA GLY B 58 -1.16 33.66 -24.23
C GLY B 58 -2.03 34.56 -23.37
N GLY B 59 -1.53 34.93 -22.19
CA GLY B 59 -2.24 35.84 -21.30
C GLY B 59 -2.61 35.22 -19.96
N ALA B 60 -2.18 35.87 -18.88
CA ALA B 60 -2.50 35.45 -17.51
C ALA B 60 -2.33 36.62 -16.54
N LEU B 61 -3.12 36.59 -15.47
CA LEU B 61 -3.03 37.56 -14.37
C LEU B 61 -1.99 37.12 -13.34
N LEU B 62 -1.24 38.08 -12.82
CA LEU B 62 -0.08 37.80 -11.97
C LEU B 62 -0.28 38.37 -10.54
N PHE B 63 0.02 37.60 -9.51
CA PHE B 63 0.04 38.07 -8.12
C PHE B 63 1.37 37.71 -7.44
N ARG B 64 1.87 38.63 -6.60
CA ARG B 64 3.06 38.37 -5.79
C ARG B 64 2.66 37.79 -4.45
N ALA B 65 3.36 36.72 -4.04
CA ALA B 65 3.12 36.08 -2.73
C ALA B 65 4.15 34.98 -2.46
N ASP B 66 4.73 35.03 -1.26
CA ASP B 66 5.73 34.06 -0.79
C ASP B 66 4.95 33.20 0.20
N VAL B 67 4.92 31.88 -0.02
CA VAL B 67 4.04 30.97 0.74
C VAL B 67 4.39 30.81 2.24
N THR B 68 5.56 31.30 2.64
CA THR B 68 5.92 31.37 4.08
C THR B 68 5.29 32.53 4.83
N GLN B 69 4.63 33.45 4.13
CA GLN B 69 4.08 34.68 4.73
C GLN B 69 2.57 34.74 4.70
N ASP B 70 1.96 34.55 5.86
CA ASP B 70 0.52 34.47 5.94
C ASP B 70 -0.18 35.70 5.37
N GLU B 71 0.41 36.88 5.57
CA GLU B 71 -0.25 38.11 5.08
C GLU B 71 -0.15 38.26 3.56
N GLU B 72 0.91 37.77 2.94
CA GLU B 72 1.01 37.79 1.49
C GLU B 72 -0.04 36.86 0.87
N LEU B 73 -0.25 35.70 1.49
CA LEU B 73 -1.31 34.79 1.07
C LEU B 73 -2.71 35.41 1.25
N ASP B 74 -2.90 36.12 2.37
CA ASP B 74 -4.18 36.83 2.60
C ASP B 74 -4.45 37.87 1.50
N ALA B 75 -3.40 38.56 1.07
CA ALA B 75 -3.44 39.60 0.01
C ALA B 75 -3.67 38.97 -1.37
N LEU B 76 -2.92 37.90 -1.69
CA LEU B 76 -3.19 37.08 -2.90
C LEU B 76 -4.68 36.71 -3.04
N PHE B 77 -5.24 36.06 -2.04
CA PHE B 77 -6.62 35.59 -2.11
C PHE B 77 -7.65 36.73 -2.07
N ALA B 78 -7.32 37.88 -1.47
CA ALA B 78 -8.22 39.05 -1.60
C ALA B 78 -8.24 39.53 -3.04
N GLY B 79 -7.07 39.51 -3.69
CA GLY B 79 -6.96 39.97 -5.05
C GLY B 79 -7.65 39.03 -6.00
N VAL B 80 -7.56 37.73 -5.71
CA VAL B 80 -8.24 36.72 -6.50
C VAL B 80 -9.74 36.94 -6.40
N LYS B 81 -10.24 37.23 -5.20
CA LYS B 81 -11.69 37.47 -5.04
C LYS B 81 -12.13 38.71 -5.84
N GLU B 82 -11.30 39.73 -5.87
CA GLU B 82 -11.67 40.97 -6.54
C GLU B 82 -11.68 40.81 -8.07
N ALA B 83 -10.64 40.15 -8.60
CA ALA B 83 -10.44 39.96 -10.06
C ALA B 83 -11.22 38.84 -10.73
N PHE B 84 -11.55 37.78 -9.99
CA PHE B 84 -12.26 36.60 -10.50
C PHE B 84 -13.68 36.45 -9.89
N GLY B 85 -13.92 37.01 -8.70
CA GLY B 85 -15.20 36.81 -7.97
C GLY B 85 -15.39 35.46 -7.27
N GLY B 86 -14.59 34.48 -7.63
CA GLY B 86 -14.73 33.11 -7.16
C GLY B 86 -13.56 32.33 -7.77
N LEU B 87 -13.45 31.05 -7.45
CA LEU B 87 -12.37 30.20 -7.96
C LEU B 87 -12.94 28.80 -8.22
N ASP B 88 -12.46 28.16 -9.27
CA ASP B 88 -12.80 26.79 -9.57
C ASP B 88 -11.63 25.83 -9.28
N TYR B 89 -10.42 26.19 -9.72
CA TYR B 89 -9.25 25.29 -9.70
C TYR B 89 -8.02 25.92 -9.06
N LEU B 90 -7.31 25.14 -8.24
CA LEU B 90 -6.05 25.55 -7.64
C LEU B 90 -4.95 24.50 -7.92
N VAL B 91 -3.87 24.91 -8.59
CA VAL B 91 -2.76 24.03 -8.90
C VAL B 91 -1.55 24.35 -8.00
N HIS B 92 -1.19 23.40 -7.15
CA HIS B 92 -0.10 23.60 -6.21
C HIS B 92 1.14 22.87 -6.72
N ALA B 93 2.09 23.63 -7.23
CA ALA B 93 3.33 23.09 -7.78
C ALA B 93 4.54 23.73 -7.07
N ILE B 94 4.45 23.83 -5.74
CA ILE B 94 5.50 24.42 -4.91
C ILE B 94 6.36 23.30 -4.30
N ALA B 95 7.67 23.36 -4.54
CA ALA B 95 8.61 22.45 -3.88
C ALA B 95 9.97 23.11 -3.60
N PHE B 96 10.46 22.97 -2.37
CA PHE B 96 11.77 23.51 -2.02
C PHE B 96 12.39 22.79 -0.82
N ALA B 97 13.70 22.51 -0.95
CA ALA B 97 14.54 22.17 0.21
C ALA B 97 15.90 22.87 0.07
N PRO B 98 16.44 23.40 1.20
CA PRO B 98 17.75 24.01 1.15
C PRO B 98 18.81 23.10 0.55
N ARG B 99 19.77 23.70 -0.13
CA ARG B 99 20.89 22.99 -0.73
C ARG B 99 21.65 22.13 0.29
N GLU B 100 21.85 22.63 1.49
CA GLU B 100 22.56 21.87 2.54
C GLU B 100 21.86 20.55 2.91
N ALA B 101 20.52 20.57 2.95
CA ALA B 101 19.72 19.37 3.21
C ALA B 101 19.87 18.32 2.10
N MET B 102 20.09 18.78 0.87
CA MET B 102 20.13 17.88 -0.26
C MET B 102 21.57 17.40 -0.58
N GLU B 103 22.58 17.94 0.09
CA GLU B 103 23.95 17.41 0.00
C GLU B 103 24.10 16.41 1.13
N GLY B 104 24.64 15.24 0.86
CA GLY B 104 24.94 14.29 1.95
C GLY B 104 23.72 13.46 2.37
N ARG B 105 23.62 13.17 3.68
CA ARG B 105 22.66 12.16 4.21
C ARG B 105 21.43 12.80 4.85
N TYR B 106 20.27 12.11 4.79
CA TYR B 106 19.05 12.56 5.49
C TYR B 106 19.25 12.64 7.01
N ILE B 107 19.95 11.66 7.58
CA ILE B 107 20.22 11.65 9.03
C ILE B 107 20.96 12.94 9.46
N ASP B 108 21.68 13.57 8.54
CA ASP B 108 22.43 14.82 8.85
C ASP B 108 21.71 16.14 8.59
N THR B 109 20.43 16.10 8.26
CA THR B 109 19.67 17.31 7.98
C THR B 109 19.65 18.21 9.21
N ARG B 110 19.90 19.50 9.06
CA ARG B 110 19.83 20.42 10.19
C ARG B 110 18.38 20.82 10.43
N ARG B 111 18.08 21.22 11.67
CA ARG B 111 16.72 21.45 12.14
C ARG B 111 16.02 22.54 11.34
N GLN B 112 16.76 23.63 11.11
CA GLN B 112 16.24 24.76 10.40
C GLN B 112 15.87 24.44 8.96
N ASP B 113 16.73 23.68 8.29
CA ASP B 113 16.55 23.31 6.89
C ASP B 113 15.37 22.32 6.72
N TRP B 114 15.29 21.35 7.63
CA TRP B 114 14.19 20.36 7.67
C TRP B 114 12.83 21.06 7.85
N LEU B 115 12.73 22.01 8.78
CA LEU B 115 11.46 22.68 9.03
C LEU B 115 11.07 23.56 7.83
N LEU B 116 12.05 24.22 7.19
CA LEU B 116 11.77 25.09 6.03
C LEU B 116 11.33 24.22 4.85
N ALA B 117 11.97 23.07 4.64
CA ALA B 117 11.54 22.14 3.58
C ALA B 117 10.05 21.70 3.79
N LEU B 118 9.69 21.29 4.99
CA LEU B 118 8.28 20.94 5.33
C LEU B 118 7.28 22.10 5.18
N GLU B 119 7.70 23.30 5.60
CA GLU B 119 6.84 24.48 5.60
C GLU B 119 6.47 24.90 4.18
N VAL B 120 7.47 24.99 3.30
CA VAL B 120 7.27 25.43 1.91
C VAL B 120 6.63 24.33 1.05
N SER B 121 7.10 23.08 1.23
CA SER B 121 6.67 21.97 0.39
C SER B 121 5.39 21.23 0.83
N ALA B 122 4.94 21.36 2.10
CA ALA B 122 3.76 20.65 2.62
C ALA B 122 2.74 21.56 3.32
N TYR B 123 3.17 22.32 4.34
CA TYR B 123 2.22 23.21 5.04
C TYR B 123 1.61 24.22 4.05
N SER B 124 2.36 24.62 3.03
CA SER B 124 1.80 25.53 2.05
C SER B 124 0.50 25.08 1.42
N LEU B 125 0.23 23.77 1.30
CA LEU B 125 -1.03 23.31 0.71
C LEU B 125 -2.22 23.57 1.65
N VAL B 126 -1.97 23.40 2.92
CA VAL B 126 -2.99 23.73 3.95
C VAL B 126 -3.34 25.24 3.96
N ALA B 127 -2.30 26.05 3.93
CA ALA B 127 -2.43 27.51 4.01
C ALA B 127 -3.21 28.06 2.82
N VAL B 128 -2.94 27.55 1.62
CA VAL B 128 -3.67 28.02 0.41
C VAL B 128 -5.06 27.39 0.33
N ALA B 129 -5.22 26.14 0.77
CA ALA B 129 -6.53 25.51 0.81
C ALA B 129 -7.50 26.24 1.75
N ARG B 130 -7.04 26.64 2.92
CA ARG B 130 -7.90 27.37 3.89
C ARG B 130 -8.46 28.69 3.31
N ARG B 131 -7.60 29.39 2.60
CA ARG B 131 -7.94 30.69 2.02
C ARG B 131 -8.78 30.57 0.77
N ALA B 132 -8.56 29.51 -0.02
CA ALA B 132 -9.38 29.23 -1.18
C ALA B 132 -10.79 28.75 -0.81
N GLU B 133 -10.93 28.07 0.33
CA GLU B 133 -12.21 27.44 0.70
C GLU B 133 -13.43 28.37 0.50
N PRO B 134 -13.42 29.60 1.06
CA PRO B 134 -14.64 30.42 0.87
C PRO B 134 -14.89 30.82 -0.59
N LEU B 135 -13.84 30.80 -1.43
CA LEU B 135 -13.95 31.16 -2.84
C LEU B 135 -14.33 30.01 -3.77
N LEU B 136 -13.98 28.78 -3.39
CA LEU B 136 -14.11 27.63 -4.29
C LEU B 136 -15.56 27.26 -4.57
N ARG B 137 -15.87 27.06 -5.86
CA ARG B 137 -17.23 26.76 -6.28
C ARG B 137 -17.47 25.26 -6.34
N GLU B 138 -18.75 24.89 -6.29
CA GLU B 138 -19.18 23.50 -6.41
C GLU B 138 -18.59 22.88 -7.68
N GLY B 139 -18.04 21.67 -7.57
CA GLY B 139 -17.36 21.05 -8.70
C GLY B 139 -15.91 21.48 -8.83
N GLY B 140 -15.43 22.32 -7.91
CA GLY B 140 -14.05 22.84 -7.91
C GLY B 140 -13.00 21.83 -7.42
N GLY B 141 -11.72 22.20 -7.52
CA GLY B 141 -10.69 21.26 -7.13
C GLY B 141 -9.33 21.84 -6.95
N ILE B 142 -8.52 21.10 -6.19
CA ILE B 142 -7.11 21.38 -5.98
C ILE B 142 -6.27 20.21 -6.43
N VAL B 143 -5.19 20.48 -7.15
CA VAL B 143 -4.26 19.42 -7.51
C VAL B 143 -2.82 19.80 -7.19
N THR B 144 -2.06 18.82 -6.69
CA THR B 144 -0.68 19.01 -6.26
C THR B 144 0.25 17.98 -6.91
N LEU B 145 1.55 18.25 -6.81
CA LEU B 145 2.55 17.40 -7.45
C LEU B 145 3.40 16.63 -6.41
N THR B 146 3.67 15.37 -6.70
CA THR B 146 4.47 14.57 -5.79
C THR B 146 5.36 13.62 -6.55
N TYR B 147 6.00 12.72 -5.82
CA TYR B 147 7.02 11.86 -6.36
C TYR B 147 7.12 10.54 -5.56
N TYR B 148 7.39 9.48 -6.29
CA TYR B 148 7.69 8.08 -5.84
C TYR B 148 8.36 7.94 -4.46
N ALA B 149 9.36 8.80 -4.20
CA ALA B 149 10.17 8.77 -2.97
C ALA B 149 9.40 8.91 -1.66
N SER B 150 8.15 9.40 -1.73
CA SER B 150 7.24 9.37 -0.58
C SER B 150 6.90 7.93 -0.13
N GLU B 151 6.88 7.00 -1.10
CA GLU B 151 6.56 5.55 -0.98
C GLU B 151 7.83 4.69 -0.68
N LYS B 152 8.84 4.85 -1.55
CA LYS B 152 10.09 4.04 -1.54
C LYS B 152 11.36 4.89 -1.40
N VAL B 153 12.44 4.32 -0.84
CA VAL B 153 13.67 5.08 -0.60
C VAL B 153 14.41 5.38 -1.91
N VAL B 154 14.52 6.67 -2.23
CA VAL B 154 15.37 7.13 -3.33
C VAL B 154 16.51 7.96 -2.73
N PRO B 155 17.69 7.35 -2.57
CA PRO B 155 18.76 8.07 -1.87
C PRO B 155 19.08 9.40 -2.53
N LYS B 156 19.37 10.40 -1.71
CA LYS B 156 19.68 11.77 -2.17
C LYS B 156 18.48 12.69 -2.34
N TYR B 157 17.25 12.14 -2.42
CA TYR B 157 16.03 12.97 -2.36
C TYR B 157 15.83 13.51 -0.91
N ASN B 158 16.31 12.74 0.07
CA ASN B 158 16.41 13.18 1.49
C ASN B 158 15.11 13.77 2.03
N VAL B 159 15.16 14.98 2.57
CA VAL B 159 13.98 15.58 3.21
C VAL B 159 12.79 15.81 2.27
N MET B 160 13.04 15.96 0.97
CA MET B 160 11.96 16.13 0.03
C MET B 160 11.03 14.89 0.02
N ALA B 161 11.59 13.70 0.18
CA ALA B 161 10.76 12.47 0.30
C ALA B 161 9.81 12.56 1.50
N ILE B 162 10.34 13.04 2.62
CA ILE B 162 9.51 13.22 3.85
C ILE B 162 8.43 14.31 3.68
N ALA B 163 8.80 15.42 3.02
CA ALA B 163 7.84 16.48 2.71
C ALA B 163 6.65 15.98 1.84
N LYS B 164 6.94 15.15 0.84
CA LYS B 164 5.95 14.54 0.00
C LYS B 164 5.01 13.60 0.75
N ALA B 165 5.53 12.85 1.73
CA ALA B 165 4.72 11.98 2.56
C ALA B 165 3.75 12.83 3.37
N ALA B 166 4.22 13.94 3.91
CA ALA B 166 3.36 14.89 4.63
C ALA B 166 2.36 15.51 3.70
N LEU B 167 2.77 15.80 2.46
CA LEU B 167 1.86 16.39 1.44
C LEU B 167 0.69 15.46 1.03
N GLU B 168 1.02 14.20 0.77
CA GLU B 168 0.00 13.19 0.42
C GLU B 168 -1.01 12.96 1.57
N ALA B 169 -0.53 12.92 2.82
CA ALA B 169 -1.46 12.83 3.97
C ALA B 169 -2.41 14.04 4.10
N SER B 170 -1.87 15.23 3.83
CA SER B 170 -2.67 16.47 3.84
C SER B 170 -3.71 16.43 2.73
N VAL B 171 -3.35 15.93 1.56
CA VAL B 171 -4.35 15.70 0.50
C VAL B 171 -5.58 14.90 1.00
N ARG B 172 -5.35 13.84 1.75
CA ARG B 172 -6.44 12.98 2.18
C ARG B 172 -7.33 13.70 3.20
N TYR B 173 -6.72 14.36 4.17
CA TYR B 173 -7.50 15.10 5.18
C TYR B 173 -8.23 16.29 4.56
N LEU B 174 -7.57 16.97 3.62
CA LEU B 174 -8.23 18.07 2.90
C LEU B 174 -9.44 17.62 2.03
N ALA B 175 -9.34 16.45 1.40
CA ALA B 175 -10.45 15.88 0.65
C ALA B 175 -11.66 15.64 1.54
N TYR B 176 -11.39 15.13 2.75
CA TYR B 176 -12.44 14.88 3.72
C TYR B 176 -13.15 16.19 4.13
N GLU B 177 -12.38 17.21 4.45
CA GLU B 177 -12.95 18.45 4.95
C GLU B 177 -13.56 19.35 3.86
N LEU B 178 -13.06 19.31 2.61
CA LEU B 178 -13.65 20.11 1.52
C LEU B 178 -14.80 19.38 0.74
N GLY B 179 -14.90 18.06 0.88
CA GLY B 179 -15.89 17.26 0.16
C GLY B 179 -17.36 17.65 0.31
N PRO B 180 -17.80 18.06 1.51
CA PRO B 180 -19.18 18.54 1.68
C PRO B 180 -19.54 19.82 0.92
N LYS B 181 -18.53 20.57 0.45
CA LYS B 181 -18.75 21.69 -0.45
C LYS B 181 -18.78 21.27 -1.93
N GLY B 182 -18.56 19.99 -2.22
CA GLY B 182 -18.41 19.54 -3.60
C GLY B 182 -17.09 19.90 -4.25
N VAL B 183 -16.03 20.01 -3.44
CA VAL B 183 -14.66 20.28 -3.92
C VAL B 183 -13.77 19.05 -3.70
N ARG B 184 -12.96 18.73 -4.74
CA ARG B 184 -12.08 17.56 -4.74
C ARG B 184 -10.59 17.94 -4.61
N VAL B 185 -9.78 17.02 -4.05
CA VAL B 185 -8.35 17.25 -3.79
C VAL B 185 -7.59 15.99 -4.18
N ASN B 186 -6.60 16.12 -5.09
CA ASN B 186 -5.81 14.96 -5.59
C ASN B 186 -4.32 15.32 -5.81
N ALA B 187 -3.45 14.31 -5.93
CA ALA B 187 -2.02 14.53 -6.22
C ALA B 187 -1.63 13.71 -7.46
N ILE B 188 -0.64 14.22 -8.20
CA ILE B 188 -0.07 13.59 -9.38
C ILE B 188 1.38 13.25 -9.06
N SER B 189 1.73 11.95 -9.13
CA SER B 189 3.09 11.49 -8.91
C SER B 189 3.81 11.32 -10.25
N ALA B 190 4.68 12.26 -10.54
CA ALA B 190 5.31 12.34 -11.85
C ALA B 190 6.70 11.70 -11.87
N GLY B 191 7.07 11.09 -13.00
CA GLY B 191 8.43 10.63 -13.22
C GLY B 191 9.29 11.80 -13.67
N PRO B 192 10.62 11.58 -13.86
CA PRO B 192 11.57 12.61 -14.35
C PRO B 192 11.36 13.03 -15.80
N VAL B 193 11.52 14.33 -16.05
CA VAL B 193 11.43 14.96 -17.36
C VAL B 193 12.66 15.88 -17.56
N ARG B 194 12.98 16.24 -18.80
CA ARG B 194 14.11 17.18 -19.09
C ARG B 194 13.94 18.59 -18.47
N THR B 195 14.26 18.72 -17.17
CA THR B 195 14.10 19.98 -16.40
C THR B 195 15.46 20.63 -16.05
N TYR B 208 18.37 8.24 -15.45
CA TYR B 208 17.57 8.98 -16.42
C TYR B 208 17.50 8.23 -17.75
N ASP B 209 18.66 7.88 -18.29
CA ASP B 209 18.75 6.78 -19.24
C ASP B 209 18.46 5.48 -18.48
N ARG B 210 18.73 5.48 -17.18
CA ARG B 210 18.41 4.34 -16.29
C ARG B 210 16.90 4.13 -16.08
N VAL B 211 16.15 5.21 -15.87
CA VAL B 211 14.68 5.14 -15.84
C VAL B 211 14.14 4.62 -17.17
N ALA B 212 14.61 5.19 -18.26
CA ALA B 212 14.22 4.74 -19.59
C ALA B 212 14.49 3.24 -19.79
N GLN B 213 15.62 2.73 -19.32
CA GLN B 213 15.90 1.28 -19.43
C GLN B 213 14.94 0.37 -18.65
N THR B 214 14.43 0.86 -17.52
CA THR B 214 13.64 0.03 -16.58
C THR B 214 12.12 0.27 -16.68
N ALA B 215 11.70 1.47 -17.10
CA ALA B 215 10.29 1.74 -17.32
C ALA B 215 9.70 0.71 -18.30
N PRO B 216 8.48 0.21 -18.04
CA PRO B 216 7.74 -0.61 -18.99
C PRO B 216 7.66 -0.02 -20.39
N LEU B 217 7.44 1.29 -20.51
CA LEU B 217 7.34 1.89 -21.83
C LEU B 217 8.72 2.14 -22.49
N ARG B 218 9.80 1.84 -21.77
CA ARG B 218 11.20 2.00 -22.28
C ARG B 218 11.53 3.42 -22.73
N ARG B 219 10.98 4.40 -21.99
CA ARG B 219 11.25 5.82 -22.19
C ARG B 219 10.86 6.59 -20.94
N ASN B 220 11.31 7.84 -20.89
CA ASN B 220 10.88 8.81 -19.90
C ASN B 220 9.56 9.42 -20.32
N ILE B 221 8.82 9.95 -19.35
CA ILE B 221 7.61 10.73 -19.65
C ILE B 221 7.91 12.16 -20.17
N THR B 222 6.89 12.84 -20.69
CA THR B 222 7.01 14.24 -21.15
C THR B 222 6.17 15.16 -20.26
N GLN B 223 6.43 16.46 -20.30
CA GLN B 223 5.69 17.39 -19.45
C GLN B 223 4.22 17.54 -19.91
N GLU B 224 3.97 17.31 -21.19
CA GLU B 224 2.63 17.26 -21.76
C GLU B 224 1.78 16.12 -21.17
N GLU B 225 2.41 14.98 -20.91
CA GLU B 225 1.75 13.84 -20.24
C GLU B 225 1.28 14.24 -18.82
N VAL B 226 2.10 15.01 -18.12
CA VAL B 226 1.69 15.57 -16.80
C VAL B 226 0.56 16.62 -16.93
N GLY B 227 0.74 17.56 -17.87
CA GLY B 227 -0.29 18.52 -18.20
C GLY B 227 -1.65 17.92 -18.45
N ASN B 228 -1.70 16.87 -19.28
CA ASN B 228 -2.96 16.20 -19.60
C ASN B 228 -3.65 15.55 -18.40
N LEU B 229 -2.89 14.93 -17.52
CA LEU B 229 -3.46 14.31 -16.31
C LEU B 229 -4.01 15.38 -15.37
N GLY B 230 -3.31 16.49 -15.20
CA GLY B 230 -3.84 17.59 -14.36
C GLY B 230 -5.18 18.13 -14.83
N LEU B 231 -5.28 18.37 -16.15
CA LEU B 231 -6.52 18.82 -16.79
C LEU B 231 -7.68 17.87 -16.54
N PHE B 232 -7.43 16.59 -16.78
CA PHE B 232 -8.41 15.55 -16.55
C PHE B 232 -8.90 15.61 -15.11
N LEU B 233 -7.99 15.58 -14.14
CA LEU B 233 -8.43 15.58 -12.69
C LEU B 233 -9.27 16.80 -12.25
N LEU B 234 -8.93 17.96 -12.80
CA LEU B 234 -9.66 19.19 -12.53
C LEU B 234 -11.01 19.28 -13.27
N SER B 235 -11.03 18.74 -14.49
CA SER B 235 -12.22 18.71 -15.36
C SER B 235 -13.38 17.94 -14.71
N PRO B 236 -14.60 18.17 -15.21
CA PRO B 236 -15.72 17.39 -14.71
C PRO B 236 -15.71 15.91 -15.18
N LEU B 237 -14.78 15.52 -16.04
CA LEU B 237 -14.60 14.09 -16.39
C LEU B 237 -14.21 13.27 -15.13
N ALA B 238 -13.65 13.93 -14.13
CA ALA B 238 -13.18 13.29 -12.92
C ALA B 238 -14.04 13.56 -11.70
N SER B 239 -15.34 13.80 -11.87
CA SER B 239 -16.18 14.23 -10.73
C SER B 239 -16.28 13.23 -9.57
N GLY B 240 -16.04 11.96 -9.83
CA GLY B 240 -16.05 10.98 -8.74
C GLY B 240 -14.72 10.73 -8.01
N ILE B 241 -13.63 11.41 -8.42
CA ILE B 241 -12.25 11.12 -7.98
C ILE B 241 -11.75 12.17 -6.97
N THR B 242 -11.50 11.76 -5.74
CA THR B 242 -10.99 12.65 -4.70
C THR B 242 -10.19 11.84 -3.68
N GLY B 243 -9.16 12.49 -3.12
CA GLY B 243 -8.19 11.90 -2.20
C GLY B 243 -7.16 10.98 -2.82
N GLU B 244 -7.01 11.01 -4.14
CA GLU B 244 -6.22 10.05 -4.88
C GLU B 244 -4.82 10.59 -5.23
N VAL B 245 -3.83 9.69 -5.29
CA VAL B 245 -2.49 9.98 -5.84
C VAL B 245 -2.36 9.14 -7.12
N VAL B 246 -2.22 9.79 -8.27
CA VAL B 246 -2.18 9.08 -9.59
C VAL B 246 -0.78 9.19 -10.20
N TYR B 247 -0.22 8.07 -10.68
CA TYR B 247 1.14 8.01 -11.20
C TYR B 247 1.21 8.23 -12.72
N VAL B 248 2.03 9.16 -13.15
CA VAL B 248 2.35 9.32 -14.57
C VAL B 248 3.88 9.19 -14.69
N ASP B 249 4.35 7.96 -14.88
CA ASP B 249 5.79 7.69 -14.88
C ASP B 249 6.23 6.57 -15.84
N ALA B 250 5.43 6.31 -16.86
CA ALA B 250 5.72 5.28 -17.87
C ALA B 250 5.77 3.88 -17.25
N GLY B 251 5.15 3.73 -16.08
CA GLY B 251 5.13 2.46 -15.36
C GLY B 251 6.29 2.14 -14.44
N TYR B 252 7.28 3.04 -14.38
CA TYR B 252 8.47 2.82 -13.55
C TYR B 252 8.21 2.27 -12.14
N HIS B 253 7.28 2.88 -11.42
CA HIS B 253 7.09 2.54 -9.99
C HIS B 253 6.52 1.13 -9.70
N ILE B 254 5.98 0.45 -10.70
CA ILE B 254 5.49 -0.94 -10.50
C ILE B 254 6.63 -1.98 -10.51
N MET B 255 7.84 -1.59 -10.87
CA MET B 255 8.94 -2.55 -11.04
C MET B 255 9.56 -2.87 -9.69
N GLY B 256 9.87 -4.14 -9.49
CA GLY B 256 10.50 -4.62 -8.25
C GLY B 256 11.99 -4.86 -8.36
N MET B 257 12.55 -4.61 -9.55
CA MET B 257 13.99 -4.57 -9.76
C MET B 257 14.36 -3.80 -11.05
N GLU B 258 15.63 -3.39 -11.12
CA GLU B 258 16.14 -2.65 -12.27
C GLU B 258 16.53 -3.62 -13.38
N LEU B 259 16.34 -3.20 -14.63
CA LEU B 259 16.70 -4.01 -15.80
C LEU B 259 18.09 -3.59 -16.34
N MET C 1 11.20 -22.15 26.56
CA MET C 1 12.41 -22.98 26.26
C MET C 1 13.36 -22.28 25.27
N LEU C 2 12.86 -21.25 24.57
CA LEU C 2 13.72 -20.32 23.86
C LEU C 2 13.82 -19.03 24.70
N THR C 3 15.01 -18.42 24.77
CA THR C 3 15.24 -17.28 25.67
C THR C 3 15.90 -16.02 25.04
N VAL C 4 15.24 -14.88 25.23
CA VAL C 4 15.78 -13.55 24.89
C VAL C 4 16.59 -13.00 26.09
N ASP C 5 17.93 -13.04 26.04
CA ASP C 5 18.79 -12.49 27.13
C ASP C 5 19.51 -11.19 26.74
N LEU C 6 18.97 -10.06 27.19
CA LEU C 6 19.53 -8.75 26.86
C LEU C 6 20.45 -8.21 27.99
N SER C 7 21.01 -9.08 28.83
CA SER C 7 21.91 -8.67 29.91
C SER C 7 23.11 -7.94 29.37
N GLY C 8 23.43 -6.81 29.98
CA GLY C 8 24.56 -6.00 29.54
C GLY C 8 24.25 -5.07 28.36
N LYS C 9 23.00 -5.09 27.87
CA LYS C 9 22.58 -4.21 26.78
C LYS C 9 22.00 -2.94 27.37
N LYS C 10 22.14 -1.83 26.64
CA LYS C 10 21.76 -0.52 27.14
C LYS C 10 20.70 0.15 26.24
N ALA C 11 19.59 0.56 26.87
CA ALA C 11 18.47 1.26 26.20
C ALA C 11 18.31 2.75 26.65
N LEU C 12 17.98 3.63 25.72
CA LEU C 12 17.48 4.99 26.04
C LEU C 12 16.01 5.11 25.58
N VAL C 13 15.12 5.44 26.52
CA VAL C 13 13.70 5.58 26.24
C VAL C 13 13.22 7.04 26.42
N MET C 14 12.66 7.60 25.35
CA MET C 14 12.34 9.03 25.27
C MET C 14 10.85 9.27 25.04
N GLY C 15 10.29 10.20 25.81
CA GLY C 15 8.89 10.61 25.66
C GLY C 15 7.86 10.02 26.60
N VAL C 16 8.31 9.24 27.58
CA VAL C 16 7.41 8.60 28.52
C VAL C 16 7.07 9.57 29.66
N THR C 17 5.78 9.73 29.93
CA THR C 17 5.30 10.64 30.98
C THR C 17 4.42 9.98 32.05
N ASN C 18 3.85 8.82 31.79
CA ASN C 18 3.15 8.06 32.84
C ASN C 18 3.18 6.55 32.57
N GLN C 19 2.76 5.81 33.60
CA GLN C 19 2.87 4.35 33.66
C GLN C 19 1.89 3.66 32.73
N ARG C 20 0.79 4.34 32.44
CA ARG C 20 -0.23 3.81 31.53
C ARG C 20 -0.03 4.50 30.21
N SER C 21 1.03 4.07 29.52
CA SER C 21 1.42 4.60 28.22
C SER C 21 2.20 3.50 27.48
N LEU C 22 2.34 3.67 26.17
CA LEU C 22 2.90 2.63 25.31
C LEU C 22 4.41 2.57 25.42
N GLY C 23 5.06 3.73 25.54
CA GLY C 23 6.49 3.79 25.72
C GLY C 23 6.95 3.21 27.05
N PHE C 24 6.17 3.40 28.11
CA PHE C 24 6.47 2.75 29.38
C PHE C 24 6.44 1.23 29.22
N ALA C 25 5.39 0.73 28.55
CA ALA C 25 5.20 -0.72 28.28
C ALA C 25 6.41 -1.38 27.59
N ILE C 26 7.00 -0.71 26.59
CA ILE C 26 8.25 -1.19 25.95
C ILE C 26 9.45 -1.13 26.91
N ALA C 27 9.55 -0.05 27.67
CA ALA C 27 10.61 0.11 28.65
C ALA C 27 10.63 -1.09 29.63
N ALA C 28 9.45 -1.45 30.11
CA ALA C 28 9.28 -2.51 31.09
C ALA C 28 9.65 -3.88 30.53
N LYS C 29 9.34 -4.11 29.26
CA LYS C 29 9.68 -5.37 28.61
C LYS C 29 11.18 -5.47 28.34
N LEU C 30 11.84 -4.35 28.06
CA LEU C 30 13.30 -4.36 27.89
C LEU C 30 13.99 -4.74 29.22
N LYS C 31 13.55 -4.11 30.31
CA LYS C 31 13.99 -4.46 31.69
C LYS C 31 13.75 -5.96 32.01
N GLU C 32 12.53 -6.42 31.72
CA GLU C 32 12.17 -7.84 31.87
C GLU C 32 13.14 -8.74 31.12
N ALA C 33 13.59 -8.31 29.95
CA ALA C 33 14.55 -9.09 29.17
C ALA C 33 16.01 -8.95 29.60
N GLY C 34 16.30 -8.04 30.55
CA GLY C 34 17.64 -7.88 31.13
C GLY C 34 18.41 -6.62 30.77
N ALA C 35 17.82 -5.75 29.94
CA ALA C 35 18.46 -4.49 29.55
C ALA C 35 18.44 -3.45 30.69
N GLU C 36 19.44 -2.58 30.71
CA GLU C 36 19.42 -1.40 31.57
C GLU C 36 18.77 -0.25 30.80
N VAL C 37 17.91 0.52 31.47
CA VAL C 37 17.16 1.63 30.82
C VAL C 37 17.51 3.01 31.38
N ALA C 38 17.80 3.94 30.49
CA ALA C 38 17.88 5.38 30.78
C ALA C 38 16.60 6.05 30.22
N LEU C 39 15.96 6.88 31.06
CA LEU C 39 14.75 7.63 30.69
C LEU C 39 15.03 9.13 30.53
N SER C 40 14.48 9.76 29.49
CA SER C 40 14.55 11.22 29.40
C SER C 40 13.28 11.84 29.98
N TYR C 41 13.43 13.08 30.42
CA TYR C 41 12.29 13.92 30.86
C TYR C 41 12.49 15.36 30.36
N GLN C 42 11.39 16.05 30.13
CA GLN C 42 11.40 17.26 29.32
C GLN C 42 12.01 18.45 30.05
N ALA C 43 11.60 18.66 31.30
CA ALA C 43 11.92 19.87 32.06
C ALA C 43 12.01 19.54 33.54
N GLU C 44 12.79 20.35 34.26
CA GLU C 44 13.13 20.04 35.65
C GLU C 44 11.90 20.08 36.57
N ARG C 45 10.87 20.81 36.20
CA ARG C 45 9.62 20.78 36.95
C ARG C 45 8.91 19.41 36.96
N LEU C 46 9.28 18.53 36.03
CA LEU C 46 8.71 17.18 35.95
C LEU C 46 9.61 16.09 36.56
N ARG C 47 10.68 16.50 37.25
CA ARG C 47 11.53 15.56 38.00
C ARG C 47 10.79 14.62 38.95
N PRO C 48 9.88 15.17 39.79
CA PRO C 48 9.13 14.27 40.67
C PRO C 48 8.40 13.16 39.90
N GLU C 49 7.79 13.51 38.76
CA GLU C 49 7.08 12.55 37.92
C GLU C 49 8.02 11.53 37.32
N ALA C 50 9.18 12.00 36.86
CA ALA C 50 10.23 11.15 36.30
C ALA C 50 10.74 10.15 37.35
N GLU C 51 10.99 10.60 38.56
CA GLU C 51 11.49 9.75 39.64
C GLU C 51 10.54 8.59 39.94
N LYS C 52 9.26 8.90 40.03
CA LYS C 52 8.19 7.93 40.19
C LYS C 52 8.14 6.89 39.04
N LEU C 53 8.38 7.30 37.80
CA LEU C 53 8.52 6.35 36.68
C LEU C 53 9.79 5.47 36.78
N ALA C 54 10.93 6.08 37.09
CA ALA C 54 12.16 5.31 37.32
C ALA C 54 11.91 4.21 38.39
N GLU C 55 11.23 4.54 39.48
CA GLU C 55 10.92 3.56 40.52
C GLU C 55 10.03 2.43 40.05
N ALA C 56 9.00 2.77 39.28
CA ALA C 56 8.09 1.78 38.69
C ALA C 56 8.81 0.86 37.69
N LEU C 57 9.92 1.30 37.12
CA LEU C 57 10.76 0.44 36.27
C LEU C 57 11.77 -0.41 37.04
N GLY C 58 11.84 -0.21 38.36
CA GLY C 58 12.81 -0.92 39.19
C GLY C 58 14.19 -0.32 39.05
N GLY C 59 14.22 0.98 38.75
CA GLY C 59 15.47 1.72 38.62
C GLY C 59 15.78 2.08 37.17
N ALA C 60 16.05 3.36 36.96
CA ALA C 60 16.53 3.83 35.67
C ALA C 60 17.27 5.14 35.89
N LEU C 61 18.31 5.37 35.12
CA LEU C 61 18.99 6.67 35.08
C LEU C 61 18.04 7.69 34.46
N LEU C 62 18.12 8.96 34.90
CA LEU C 62 17.24 10.02 34.37
C LEU C 62 18.06 11.14 33.77
N PHE C 63 17.60 11.68 32.62
CA PHE C 63 18.33 12.69 31.88
C PHE C 63 17.36 13.74 31.30
N ARG C 64 17.60 15.01 31.65
CA ARG C 64 16.78 16.13 31.18
C ARG C 64 17.18 16.55 29.78
N ALA C 65 16.19 16.73 28.91
CA ALA C 65 16.37 17.38 27.59
C ALA C 65 15.03 17.69 26.93
N ASP C 66 14.87 18.92 26.45
CA ASP C 66 13.72 19.29 25.65
C ASP C 66 14.12 18.98 24.23
N VAL C 67 13.33 18.18 23.52
CA VAL C 67 13.80 17.70 22.20
C VAL C 67 13.82 18.75 21.09
N THR C 68 13.32 19.97 21.37
CA THR C 68 13.41 21.07 20.41
C THR C 68 14.78 21.79 20.49
N GLN C 69 15.55 21.50 21.53
CA GLN C 69 16.78 22.24 21.83
C GLN C 69 18.02 21.41 21.53
N ASP C 70 18.71 21.72 20.42
CA ASP C 70 19.84 20.89 20.01
C ASP C 70 20.94 20.79 21.10
N GLU C 71 21.24 21.90 21.79
CA GLU C 71 22.25 21.91 22.85
C GLU C 71 21.91 20.98 24.00
N GLU C 72 20.62 20.90 24.34
CA GLU C 72 20.13 20.03 25.39
C GLU C 72 20.23 18.57 24.96
N LEU C 73 20.01 18.29 23.66
CA LEU C 73 20.17 16.93 23.11
C LEU C 73 21.65 16.53 23.07
N ASP C 74 22.53 17.47 22.69
CA ASP C 74 23.97 17.23 22.80
C ASP C 74 24.40 16.86 24.23
N ALA C 75 23.85 17.54 25.24
CA ALA C 75 24.18 17.29 26.63
C ALA C 75 23.73 15.88 27.07
N LEU C 76 22.48 15.54 26.76
CA LEU C 76 21.87 14.23 27.04
C LEU C 76 22.73 13.09 26.55
N PHE C 77 23.10 13.16 25.28
CA PHE C 77 23.92 12.11 24.64
C PHE C 77 25.37 12.03 25.15
N ALA C 78 25.89 13.15 25.65
CA ALA C 78 27.19 13.17 26.33
C ALA C 78 27.07 12.46 27.66
N GLY C 79 25.94 12.68 28.36
CA GLY C 79 25.68 12.03 29.65
C GLY C 79 25.43 10.52 29.53
N VAL C 80 24.79 10.14 28.42
CA VAL C 80 24.53 8.73 28.12
C VAL C 80 25.83 7.98 27.83
N LYS C 81 26.68 8.58 27.00
CA LYS C 81 27.97 7.98 26.66
C LYS C 81 28.89 7.82 27.87
N GLU C 82 28.93 8.84 28.74
CA GLU C 82 29.76 8.77 29.94
C GLU C 82 29.22 7.67 30.86
N ALA C 83 27.89 7.63 31.05
CA ALA C 83 27.22 6.62 31.87
C ALA C 83 27.29 5.18 31.31
N PHE C 84 27.08 5.01 30.01
CA PHE C 84 26.93 3.68 29.42
C PHE C 84 28.09 3.24 28.52
N GLY C 85 28.89 4.17 28.04
CA GLY C 85 29.95 3.85 27.08
C GLY C 85 29.49 3.65 25.63
N GLY C 86 28.19 3.57 25.42
CA GLY C 86 27.62 3.23 24.12
C GLY C 86 26.16 2.88 24.32
N LEU C 87 25.50 2.46 23.25
CA LEU C 87 24.07 2.18 23.28
C LEU C 87 23.75 1.00 22.38
N ASP C 88 22.72 0.24 22.75
CA ASP C 88 22.19 -0.83 21.90
C ASP C 88 20.84 -0.41 21.27
N TYR C 89 19.94 0.10 22.11
CA TYR C 89 18.55 0.43 21.72
C TYR C 89 18.08 1.86 22.05
N LEU C 90 17.28 2.41 21.14
CA LEU C 90 16.56 3.68 21.34
C LEU C 90 15.06 3.52 21.04
N VAL C 91 14.22 3.92 22.01
CA VAL C 91 12.78 3.87 21.90
C VAL C 91 12.29 5.31 21.84
N HIS C 92 11.63 5.66 20.74
CA HIS C 92 11.15 7.01 20.48
C HIS C 92 9.65 6.91 20.63
N ALA C 93 9.14 7.37 21.78
CA ALA C 93 7.70 7.44 22.12
C ALA C 93 7.22 8.90 22.36
N ILE C 94 7.75 9.83 21.55
CA ILE C 94 7.49 11.27 21.68
C ILE C 94 6.41 11.70 20.70
N ALA C 95 5.30 12.20 21.21
CA ALA C 95 4.20 12.66 20.37
C ALA C 95 3.57 13.89 20.99
N PHE C 96 3.38 14.97 20.22
CA PHE C 96 2.71 16.19 20.73
C PHE C 96 2.13 17.06 19.62
N ALA C 97 0.92 17.56 19.82
CA ALA C 97 0.41 18.72 19.08
C ALA C 97 -0.35 19.68 20.02
N PRO C 98 -0.24 21.01 19.77
CA PRO C 98 -0.95 21.98 20.60
C PRO C 98 -2.45 21.76 20.60
N ARG C 99 -3.05 21.98 21.76
CA ARG C 99 -4.47 21.79 21.99
C ARG C 99 -5.34 22.47 20.91
N GLU C 100 -4.95 23.67 20.50
CA GLU C 100 -5.67 24.45 19.49
C GLU C 100 -5.65 23.72 18.16
N ALA C 101 -4.52 23.11 17.79
CA ALA C 101 -4.42 22.37 16.53
C ALA C 101 -5.32 21.13 16.52
N MET C 102 -5.58 20.59 17.70
CA MET C 102 -6.39 19.37 17.84
C MET C 102 -7.90 19.66 18.03
N GLU C 103 -8.26 20.90 18.41
CA GLU C 103 -9.67 21.33 18.41
C GLU C 103 -10.05 21.87 17.03
N GLY C 104 -11.17 21.44 16.48
CA GLY C 104 -11.58 21.90 15.15
C GLY C 104 -10.96 21.10 14.01
N ARG C 105 -10.79 21.76 12.86
CA ARG C 105 -10.51 21.08 11.58
C ARG C 105 -9.03 21.16 11.23
N TYR C 106 -8.51 20.18 10.48
CA TYR C 106 -7.12 20.21 10.00
C TYR C 106 -6.86 21.46 9.12
N ILE C 107 -7.85 21.83 8.32
CA ILE C 107 -7.65 22.91 7.36
C ILE C 107 -7.47 24.24 8.11
N ASP C 108 -7.90 24.27 9.38
CA ASP C 108 -7.80 25.46 10.23
C ASP C 108 -6.52 25.52 11.08
N THR C 109 -5.55 24.61 10.87
CA THR C 109 -4.34 24.59 11.68
C THR C 109 -3.43 25.81 11.40
N ARG C 110 -3.04 26.51 12.48
CA ARG C 110 -2.17 27.68 12.36
C ARG C 110 -0.73 27.22 12.09
N ARG C 111 0.01 28.03 11.35
CA ARG C 111 1.39 27.73 10.92
C ARG C 111 2.32 27.25 12.05
N GLN C 112 2.38 28.02 13.14
CA GLN C 112 3.32 27.74 14.20
C GLN C 112 2.95 26.46 14.97
N ASP C 113 1.65 26.24 15.17
CA ASP C 113 1.15 24.98 15.75
C ASP C 113 1.54 23.77 14.87
N TRP C 114 1.30 23.89 13.57
CA TRP C 114 1.63 22.81 12.63
C TRP C 114 3.12 22.48 12.71
N LEU C 115 3.97 23.50 12.66
CA LEU C 115 5.43 23.25 12.58
C LEU C 115 5.95 22.69 13.91
N LEU C 116 5.36 23.12 15.04
CA LEU C 116 5.74 22.59 16.36
C LEU C 116 5.39 21.10 16.47
N ALA C 117 4.15 20.72 16.10
CA ALA C 117 3.74 19.31 16.08
C ALA C 117 4.72 18.44 15.27
N LEU C 118 5.04 18.89 14.05
CA LEU C 118 5.99 18.17 13.18
C LEU C 118 7.42 18.15 13.73
N GLU C 119 7.80 19.20 14.45
CA GLU C 119 9.16 19.30 15.05
C GLU C 119 9.36 18.29 16.18
N VAL C 120 8.38 18.24 17.05
CA VAL C 120 8.42 17.41 18.25
C VAL C 120 8.10 15.92 17.95
N SER C 121 7.16 15.70 17.04
CA SER C 121 6.64 14.36 16.73
C SER C 121 7.39 13.60 15.64
N ALA C 122 8.02 14.31 14.71
CA ALA C 122 8.74 13.64 13.59
C ALA C 122 10.23 14.00 13.51
N TYR C 123 10.54 15.30 13.51
CA TYR C 123 11.98 15.69 13.38
C TYR C 123 12.82 15.16 14.58
N SER C 124 12.21 15.06 15.76
CA SER C 124 12.90 14.50 16.94
C SER C 124 13.54 13.13 16.67
N LEU C 125 12.92 12.30 15.82
CA LEU C 125 13.55 11.01 15.46
C LEU C 125 14.86 11.20 14.72
N VAL C 126 14.89 12.13 13.74
CA VAL C 126 16.14 12.44 13.03
C VAL C 126 17.19 13.01 14.00
N ALA C 127 16.75 13.94 14.87
CA ALA C 127 17.66 14.59 15.82
C ALA C 127 18.32 13.57 16.78
N VAL C 128 17.53 12.67 17.36
CA VAL C 128 18.11 11.66 18.26
C VAL C 128 18.86 10.53 17.51
N ALA C 129 18.48 10.25 16.26
CA ALA C 129 19.11 9.20 15.50
C ALA C 129 20.54 9.58 15.10
N ARG C 130 20.74 10.83 14.72
CA ARG C 130 22.06 11.30 14.33
C ARG C 130 23.05 11.20 15.50
N ARG C 131 22.57 11.57 16.68
CA ARG C 131 23.37 11.59 17.88
C ARG C 131 23.62 10.19 18.46
N ALA C 132 22.65 9.29 18.28
CA ALA C 132 22.81 7.89 18.68
C ALA C 132 23.80 7.14 17.77
N GLU C 133 23.89 7.49 16.49
CA GLU C 133 24.72 6.72 15.51
C GLU C 133 26.14 6.31 15.97
N PRO C 134 26.94 7.28 16.47
CA PRO C 134 28.29 6.89 16.89
C PRO C 134 28.36 6.00 18.13
N LEU C 135 27.34 6.05 18.97
CA LEU C 135 27.23 5.24 20.20
C LEU C 135 26.68 3.82 19.93
N LEU C 136 25.83 3.70 18.90
CA LEU C 136 25.10 2.45 18.64
C LEU C 136 26.03 1.36 18.14
N ARG C 137 25.90 0.18 18.72
CA ARG C 137 26.68 -0.98 18.37
C ARG C 137 25.91 -1.84 17.35
N GLU C 138 26.66 -2.66 16.61
CA GLU C 138 26.10 -3.58 15.62
C GLU C 138 25.13 -4.53 16.31
N GLY C 139 24.02 -4.83 15.64
CA GLY C 139 22.89 -5.51 16.29
C GLY C 139 21.93 -4.55 16.99
N GLY C 140 22.31 -3.28 17.10
CA GLY C 140 21.52 -2.25 17.79
C GLY C 140 20.35 -1.79 16.93
N GLY C 141 19.40 -1.09 17.56
CA GLY C 141 18.24 -0.66 16.82
C GLY C 141 17.45 0.50 17.41
N ILE C 142 16.58 1.06 16.56
CA ILE C 142 15.64 2.15 16.95
C ILE C 142 14.21 1.75 16.64
N VAL C 143 13.30 1.91 17.61
CA VAL C 143 11.87 1.70 17.38
C VAL C 143 11.07 2.96 17.76
N THR C 144 10.01 3.23 17.00
CA THR C 144 9.10 4.37 17.23
C THR C 144 7.64 3.92 17.13
N LEU C 145 6.73 4.74 17.66
CA LEU C 145 5.30 4.45 17.67
C LEU C 145 4.51 5.32 16.66
N THR C 146 3.54 4.70 16.00
CA THR C 146 2.69 5.37 15.04
C THR C 146 1.22 4.94 15.16
N TYR C 147 0.43 5.42 14.20
CA TYR C 147 -1.01 5.22 14.20
C TYR C 147 -1.50 5.23 12.74
N TYR C 148 -2.54 4.44 12.48
CA TYR C 148 -3.12 4.19 11.16
C TYR C 148 -3.65 5.47 10.46
N ALA C 149 -3.94 6.51 11.23
CA ALA C 149 -4.28 7.85 10.70
C ALA C 149 -3.22 8.42 9.71
N SER C 150 -2.00 7.91 9.72
CA SER C 150 -1.00 8.33 8.72
C SER C 150 -1.41 7.98 7.30
N GLU C 151 -2.09 6.85 7.14
CA GLU C 151 -2.46 6.27 5.84
C GLU C 151 -3.96 6.50 5.52
N LYS C 152 -4.80 6.62 6.57
CA LYS C 152 -6.27 6.66 6.47
C LYS C 152 -6.90 7.73 7.34
N VAL C 153 -7.91 8.44 6.85
CA VAL C 153 -8.41 9.63 7.56
C VAL C 153 -9.22 9.34 8.84
N VAL C 154 -8.67 9.73 9.99
CA VAL C 154 -9.37 9.62 11.28
C VAL C 154 -9.68 11.03 11.77
N PRO C 155 -10.97 11.46 11.70
CA PRO C 155 -11.36 12.80 12.09
C PRO C 155 -10.91 13.15 13.51
N LYS C 156 -10.58 14.42 13.73
CA LYS C 156 -10.07 14.92 15.02
C LYS C 156 -8.61 14.51 15.35
N TYR C 157 -8.00 13.63 14.56
CA TYR C 157 -6.56 13.36 14.76
C TYR C 157 -5.72 14.48 14.14
N ASN C 158 -6.23 15.10 13.08
CA ASN C 158 -5.67 16.37 12.55
C ASN C 158 -4.16 16.33 12.26
N VAL C 159 -3.37 17.30 12.73
CA VAL C 159 -1.93 17.35 12.34
C VAL C 159 -1.11 16.13 12.82
N MET C 160 -1.55 15.45 13.88
CA MET C 160 -0.88 14.23 14.34
C MET C 160 -0.83 13.14 13.26
N ALA C 161 -1.89 13.01 12.47
CA ALA C 161 -1.87 12.13 11.24
C ALA C 161 -0.74 12.47 10.29
N ILE C 162 -0.55 13.76 10.08
CA ILE C 162 0.44 14.22 9.15
C ILE C 162 1.86 14.01 9.72
N ALA C 163 2.03 14.28 11.03
CA ALA C 163 3.30 13.99 11.72
C ALA C 163 3.64 12.50 11.63
N LYS C 164 2.65 11.64 11.85
CA LYS C 164 2.88 10.19 11.70
C LYS C 164 3.29 9.77 10.26
N ALA C 165 2.74 10.43 9.23
CA ALA C 165 3.21 10.10 7.84
C ALA C 165 4.68 10.48 7.68
N ALA C 166 5.03 11.64 8.26
CA ALA C 166 6.42 12.16 8.21
C ALA C 166 7.35 11.22 8.95
N LEU C 167 6.89 10.74 10.11
CA LEU C 167 7.65 9.77 10.92
C LEU C 167 7.94 8.46 10.20
N GLU C 168 6.93 7.89 9.56
CA GLU C 168 7.07 6.56 8.90
C GLU C 168 8.04 6.64 7.69
N ALA C 169 7.95 7.73 6.91
CA ALA C 169 8.95 7.93 5.80
C ALA C 169 10.39 8.10 6.32
N SER C 170 10.52 8.76 7.47
CA SER C 170 11.82 8.98 8.14
C SER C 170 12.40 7.65 8.56
N VAL C 171 11.54 6.81 9.14
CA VAL C 171 11.91 5.42 9.49
C VAL C 171 12.54 4.69 8.30
N ARG C 172 11.95 4.81 7.11
CA ARG C 172 12.51 4.12 5.90
C ARG C 172 13.89 4.65 5.45
N TYR C 173 14.01 5.98 5.40
CA TYR C 173 15.28 6.57 4.99
C TYR C 173 16.40 6.31 6.00
N LEU C 174 16.08 6.37 7.30
CA LEU C 174 17.03 6.05 8.37
C LEU C 174 17.47 4.58 8.36
N ALA C 175 16.54 3.68 8.01
CA ALA C 175 16.84 2.24 7.89
C ALA C 175 17.94 2.02 6.84
N TYR C 176 17.76 2.70 5.71
CA TYR C 176 18.73 2.66 4.63
C TYR C 176 20.14 3.21 5.03
N GLU C 177 20.14 4.38 5.67
CA GLU C 177 21.38 5.05 6.09
C GLU C 177 22.09 4.40 7.28
N LEU C 178 21.36 3.79 8.19
CA LEU C 178 21.97 3.11 9.34
C LEU C 178 22.31 1.63 9.08
N GLY C 179 21.81 1.08 7.98
CA GLY C 179 21.93 -0.34 7.68
C GLY C 179 23.35 -0.87 7.60
N PRO C 180 24.25 -0.08 6.97
CA PRO C 180 25.69 -0.49 6.93
C PRO C 180 26.35 -0.68 8.29
N LYS C 181 25.97 0.10 9.30
CA LYS C 181 26.42 -0.17 10.68
C LYS C 181 25.84 -1.45 11.29
N GLY C 182 24.89 -2.09 10.63
CA GLY C 182 24.18 -3.24 11.21
C GLY C 182 23.13 -2.83 12.24
N VAL C 183 22.66 -1.58 12.13
CA VAL C 183 21.62 -1.04 13.00
C VAL C 183 20.29 -0.99 12.23
N ARG C 184 19.19 -1.28 12.92
CA ARG C 184 17.85 -1.46 12.32
C ARG C 184 16.91 -0.40 12.86
N VAL C 185 15.94 0.01 12.04
CA VAL C 185 14.96 1.04 12.39
C VAL C 185 13.55 0.57 11.98
N ASN C 186 12.59 0.55 12.91
CA ASN C 186 11.24 0.06 12.57
C ASN C 186 10.20 0.88 13.36
N ALA C 187 8.91 0.80 12.96
CA ALA C 187 7.82 1.47 13.70
C ALA C 187 6.76 0.47 14.09
N ILE C 188 6.06 0.79 15.19
CA ILE C 188 4.93 0.01 15.66
C ILE C 188 3.68 0.87 15.52
N SER C 189 2.67 0.39 14.80
CA SER C 189 1.38 1.08 14.69
C SER C 189 0.40 0.37 15.59
N ALA C 190 0.06 1.07 16.68
CA ALA C 190 -0.76 0.54 17.73
C ALA C 190 -2.19 1.02 17.62
N GLY C 191 -3.13 0.15 17.96
CA GLY C 191 -4.51 0.55 18.18
C GLY C 191 -4.68 1.25 19.53
N PRO C 192 -5.90 1.77 19.76
CA PRO C 192 -6.19 2.52 20.97
C PRO C 192 -6.20 1.67 22.23
N VAL C 193 -5.57 2.20 23.28
CA VAL C 193 -5.59 1.64 24.63
C VAL C 193 -6.00 2.79 25.58
N ARG C 194 -6.65 2.45 26.70
CA ARG C 194 -6.97 3.43 27.74
C ARG C 194 -5.69 3.98 28.36
N THR C 195 -5.22 5.12 27.85
CA THR C 195 -3.99 5.75 28.36
C THR C 195 -4.25 7.20 28.76
N VAL C 196 -3.38 7.76 29.61
CA VAL C 196 -3.47 9.16 30.03
C VAL C 196 -3.18 10.08 28.84
N ALA C 197 -2.09 9.79 28.14
CA ALA C 197 -1.70 10.50 26.91
C ALA C 197 -2.78 10.52 25.83
N ALA C 198 -3.62 9.46 25.79
CA ALA C 198 -4.75 9.34 24.85
C ALA C 198 -5.77 10.49 24.93
N ARG C 199 -5.82 11.15 26.10
CA ARG C 199 -6.71 12.29 26.31
C ARG C 199 -6.18 13.55 25.61
N LYS C 206 -16.14 6.46 23.06
CA LYS C 206 -16.83 5.43 22.27
C LYS C 206 -16.06 5.07 21.00
N MET C 207 -14.94 5.75 20.78
CA MET C 207 -13.96 5.32 19.79
C MET C 207 -13.41 3.94 20.18
N TYR C 208 -13.24 3.74 21.49
CA TYR C 208 -12.84 2.46 22.08
C TYR C 208 -13.89 1.36 21.78
N ASP C 209 -15.17 1.74 21.87
CA ASP C 209 -16.29 0.80 21.66
C ASP C 209 -16.43 0.37 20.20
N ARG C 210 -16.31 1.32 19.29
CA ARG C 210 -16.36 1.06 17.84
C ARG C 210 -15.23 0.12 17.38
N VAL C 211 -14.01 0.35 17.88
CA VAL C 211 -12.88 -0.51 17.55
C VAL C 211 -13.15 -1.96 17.94
N ALA C 212 -13.57 -2.18 19.18
CA ALA C 212 -13.85 -3.53 19.67
C ALA C 212 -14.92 -4.27 18.83
N GLN C 213 -15.95 -3.54 18.37
CA GLN C 213 -17.01 -4.13 17.55
C GLN C 213 -16.52 -4.57 16.17
N THR C 214 -15.54 -3.85 15.65
CA THR C 214 -15.11 -3.94 14.27
C THR C 214 -13.88 -4.84 14.07
N ALA C 215 -12.98 -4.89 15.04
CA ALA C 215 -11.72 -5.62 14.87
C ALA C 215 -11.98 -7.13 14.74
N PRO C 216 -11.18 -7.83 13.91
CA PRO C 216 -11.32 -9.29 13.86
C PRO C 216 -11.34 -10.02 15.23
N LEU C 217 -10.51 -9.59 16.20
CA LEU C 217 -10.47 -10.24 17.52
C LEU C 217 -11.61 -9.79 18.45
N ARG C 218 -12.42 -8.82 18.04
CA ARG C 218 -13.58 -8.33 18.82
C ARG C 218 -13.25 -7.80 20.25
N ARG C 219 -12.12 -7.13 20.37
CA ARG C 219 -11.67 -6.52 21.63
C ARG C 219 -10.60 -5.49 21.27
N ASN C 220 -10.19 -4.67 22.23
CA ASN C 220 -9.07 -3.73 22.03
C ASN C 220 -7.78 -4.41 22.45
N ILE C 221 -6.65 -3.91 21.95
CA ILE C 221 -5.35 -4.39 22.38
C ILE C 221 -5.01 -3.86 23.80
N THR C 222 -4.03 -4.48 24.44
CA THR C 222 -3.56 -4.04 25.74
C THR C 222 -2.20 -3.34 25.57
N GLN C 223 -1.76 -2.60 26.60
CA GLN C 223 -0.40 -2.01 26.54
C GLN C 223 0.71 -3.07 26.55
N GLU C 224 0.49 -4.20 27.22
CA GLU C 224 1.48 -5.28 27.24
C GLU C 224 1.74 -5.88 25.82
N GLU C 225 0.68 -5.97 25.03
CA GLU C 225 0.76 -6.39 23.60
C GLU C 225 1.67 -5.49 22.79
N VAL C 226 1.58 -4.18 23.02
CA VAL C 226 2.50 -3.25 22.38
C VAL C 226 3.93 -3.43 22.87
N GLY C 227 4.08 -3.61 24.19
CA GLY C 227 5.41 -3.83 24.79
C GLY C 227 6.12 -5.04 24.24
N ASN C 228 5.36 -6.13 24.05
CA ASN C 228 5.92 -7.37 23.49
C ASN C 228 6.44 -7.22 22.06
N LEU C 229 5.74 -6.45 21.23
CA LEU C 229 6.21 -6.23 19.84
C LEU C 229 7.48 -5.40 19.79
N GLY C 230 7.56 -4.35 20.62
CA GLY C 230 8.81 -3.57 20.71
C GLY C 230 10.01 -4.37 21.13
N LEU C 231 9.84 -5.20 22.17
CA LEU C 231 10.93 -6.11 22.57
C LEU C 231 11.36 -7.02 21.42
N PHE C 232 10.39 -7.66 20.77
CA PHE C 232 10.72 -8.48 19.59
C PHE C 232 11.57 -7.72 18.55
N LEU C 233 11.13 -6.53 18.13
CA LEU C 233 11.82 -5.81 17.07
C LEU C 233 13.24 -5.40 17.42
N LEU C 234 13.44 -5.01 18.68
CA LEU C 234 14.75 -4.65 19.19
C LEU C 234 15.65 -5.88 19.39
N SER C 235 15.05 -7.01 19.71
CA SER C 235 15.81 -8.25 19.98
C SER C 235 16.55 -8.83 18.74
N PRO C 236 17.52 -9.75 18.95
CA PRO C 236 18.17 -10.52 17.87
C PRO C 236 17.23 -11.42 17.04
N LEU C 237 16.06 -11.76 17.59
CA LEU C 237 15.08 -12.56 16.91
C LEU C 237 14.64 -11.89 15.60
N ALA C 238 14.67 -10.56 15.54
CA ALA C 238 14.20 -9.78 14.40
C ALA C 238 15.35 -9.30 13.52
N SER C 239 16.51 -9.95 13.59
CA SER C 239 17.71 -9.47 12.91
C SER C 239 17.58 -9.29 11.39
N GLY C 240 16.61 -9.93 10.75
CA GLY C 240 16.37 -9.75 9.31
C GLY C 240 15.41 -8.62 8.93
N ILE C 241 14.88 -7.90 9.93
CA ILE C 241 13.74 -6.98 9.74
C ILE C 241 14.15 -5.54 9.95
N THR C 242 14.09 -4.75 8.89
CA THR C 242 14.36 -3.31 8.98
C THR C 242 13.51 -2.51 7.96
N GLY C 243 13.12 -1.29 8.36
CA GLY C 243 12.30 -0.39 7.54
C GLY C 243 10.77 -0.62 7.59
N GLU C 244 10.33 -1.42 8.54
CA GLU C 244 8.94 -1.94 8.58
C GLU C 244 8.01 -1.09 9.48
N VAL C 245 6.71 -1.03 9.18
CA VAL C 245 5.68 -0.54 10.11
C VAL C 245 4.76 -1.73 10.45
N VAL C 246 4.87 -2.26 11.66
CA VAL C 246 4.17 -3.46 12.02
C VAL C 246 2.93 -3.06 12.84
N TYR C 247 1.75 -3.56 12.44
CA TYR C 247 0.47 -3.23 13.12
C TYR C 247 0.13 -4.19 14.30
N VAL C 248 -0.16 -3.60 15.46
CA VAL C 248 -0.69 -4.33 16.62
C VAL C 248 -2.01 -3.67 17.03
N ASP C 249 -3.09 -4.12 16.40
CA ASP C 249 -4.39 -3.48 16.55
C ASP C 249 -5.57 -4.44 16.54
N ALA C 250 -5.30 -5.70 16.83
CA ALA C 250 -6.33 -6.74 16.81
C ALA C 250 -6.94 -6.93 15.41
N GLY C 251 -6.18 -6.56 14.36
CA GLY C 251 -6.63 -6.62 12.96
C GLY C 251 -7.54 -5.49 12.48
N TYR C 252 -7.81 -4.50 13.32
CA TYR C 252 -8.74 -3.45 12.95
C TYR C 252 -8.46 -2.86 11.56
N HIS C 253 -7.19 -2.62 11.19
CA HIS C 253 -6.88 -1.90 9.96
C HIS C 253 -7.01 -2.68 8.64
N ILE C 254 -7.18 -4.00 8.70
CA ILE C 254 -7.46 -4.81 7.50
C ILE C 254 -8.90 -4.68 6.99
N MET C 255 -9.80 -4.17 7.84
CA MET C 255 -11.21 -4.04 7.48
C MET C 255 -11.51 -2.80 6.60
N GLY C 256 -12.35 -3.03 5.60
CA GLY C 256 -12.81 -1.99 4.68
C GLY C 256 -14.15 -1.38 5.07
N MET C 257 -14.72 -1.79 6.20
CA MET C 257 -15.83 -1.05 6.79
C MET C 257 -16.02 -1.38 8.26
N GLU C 258 -16.76 -0.50 8.95
CA GLU C 258 -17.13 -0.73 10.36
C GLU C 258 -18.36 -1.64 10.47
N LEU C 259 -18.35 -2.52 11.47
CA LEU C 259 -19.35 -3.60 11.61
C LEU C 259 -20.53 -3.17 12.51
N MET D 1 16.18 -11.50 31.48
CA MET D 1 16.06 -12.54 30.42
C MET D 1 14.60 -12.96 30.26
N LEU D 2 14.11 -12.89 29.03
CA LEU D 2 12.75 -13.30 28.71
C LEU D 2 12.76 -14.66 28.01
N THR D 3 11.71 -15.44 28.24
CA THR D 3 11.58 -16.77 27.65
C THR D 3 10.28 -16.93 26.86
N VAL D 4 10.36 -17.72 25.78
CA VAL D 4 9.17 -18.18 25.07
C VAL D 4 8.99 -19.69 25.30
N ASP D 5 7.93 -20.02 26.01
CA ASP D 5 7.73 -21.38 26.49
C ASP D 5 6.41 -21.91 25.94
N LEU D 6 6.50 -22.81 24.95
CA LEU D 6 5.34 -23.36 24.29
C LEU D 6 5.12 -24.83 24.69
N SER D 7 5.64 -25.25 25.84
CA SER D 7 5.32 -26.59 26.36
C SER D 7 3.82 -26.73 26.34
N GLY D 8 3.31 -27.88 25.92
CA GLY D 8 1.87 -28.12 25.91
C GLY D 8 1.17 -27.72 24.63
N LYS D 9 1.90 -27.09 23.68
CA LYS D 9 1.27 -26.63 22.46
C LYS D 9 1.46 -27.69 21.36
N LYS D 10 0.49 -27.74 20.45
CA LYS D 10 0.46 -28.70 19.35
C LYS D 10 0.53 -27.94 18.05
N ALA D 11 1.54 -28.28 17.22
CA ALA D 11 1.83 -27.64 15.93
C ALA D 11 1.88 -28.62 14.74
N LEU D 12 1.33 -28.18 13.62
CA LEU D 12 1.43 -28.87 12.31
C LEU D 12 2.09 -27.95 11.26
N VAL D 13 3.22 -28.40 10.72
CA VAL D 13 3.94 -27.72 9.64
C VAL D 13 3.79 -28.46 8.31
N MET D 14 3.20 -27.79 7.32
CA MET D 14 2.97 -28.38 5.99
C MET D 14 3.93 -27.81 4.93
N GLY D 15 4.70 -28.70 4.30
CA GLY D 15 5.59 -28.35 3.18
C GLY D 15 7.05 -28.43 3.51
N VAL D 16 7.50 -29.60 3.97
CA VAL D 16 8.91 -29.79 4.22
C VAL D 16 9.50 -30.72 3.16
N THR D 17 10.69 -30.37 2.65
CA THR D 17 11.40 -31.19 1.66
C THR D 17 12.80 -31.54 2.11
N ASN D 18 13.56 -30.57 2.64
CA ASN D 18 14.88 -30.84 3.25
C ASN D 18 15.23 -29.81 4.33
N GLN D 19 16.45 -29.89 4.86
CA GLN D 19 16.85 -29.00 5.96
C GLN D 19 17.01 -27.53 5.57
N ARG D 20 17.01 -27.22 4.28
CA ARG D 20 16.95 -25.83 3.84
C ARG D 20 15.52 -25.24 3.71
N SER D 21 14.52 -26.09 3.83
CA SER D 21 13.13 -25.66 3.70
C SER D 21 12.78 -24.59 4.76
N LEU D 22 12.13 -23.51 4.33
CA LEU D 22 11.72 -22.45 5.26
C LEU D 22 10.72 -22.99 6.27
N GLY D 23 9.91 -23.95 5.85
CA GLY D 23 8.99 -24.66 6.78
C GLY D 23 9.75 -25.40 7.87
N PHE D 24 10.85 -26.04 7.49
CA PHE D 24 11.71 -26.70 8.47
C PHE D 24 12.35 -25.71 9.46
N ALA D 25 12.69 -24.51 9.00
CA ALA D 25 13.27 -23.46 9.86
C ALA D 25 12.29 -23.09 10.96
N ILE D 26 11.02 -22.98 10.60
CA ILE D 26 9.95 -22.64 11.61
C ILE D 26 9.67 -23.80 12.58
N ALA D 27 9.54 -25.00 12.04
CA ALA D 27 9.37 -26.19 12.86
C ALA D 27 10.50 -26.31 13.90
N ALA D 28 11.75 -26.07 13.48
CA ALA D 28 12.91 -26.20 14.36
C ALA D 28 12.80 -25.22 15.55
N LYS D 29 12.30 -24.01 15.29
CA LYS D 29 12.13 -23.00 16.33
C LYS D 29 11.00 -23.31 17.29
N LEU D 30 9.89 -23.82 16.74
CA LEU D 30 8.74 -24.23 17.56
C LEU D 30 9.11 -25.41 18.46
N LYS D 31 9.83 -26.37 17.89
CA LYS D 31 10.36 -27.52 18.65
C LYS D 31 11.24 -27.02 19.79
N GLU D 32 12.29 -26.27 19.46
CA GLU D 32 13.17 -25.65 20.44
C GLU D 32 12.44 -24.90 21.56
N ALA D 33 11.35 -24.21 21.22
CA ALA D 33 10.49 -23.56 22.25
C ALA D 33 9.64 -24.52 23.10
N GLY D 34 9.58 -25.79 22.74
CA GLY D 34 8.90 -26.80 23.54
C GLY D 34 7.56 -27.32 23.04
N ALA D 35 7.17 -26.94 21.82
CA ALA D 35 5.95 -27.43 21.22
C ALA D 35 6.12 -28.87 20.76
N GLU D 36 5.02 -29.62 20.75
CA GLU D 36 4.94 -30.91 20.04
C GLU D 36 4.63 -30.67 18.55
N VAL D 37 5.50 -31.16 17.67
CA VAL D 37 5.41 -30.90 16.25
C VAL D 37 5.08 -32.12 15.36
N ALA D 38 4.21 -31.90 14.38
CA ALA D 38 3.98 -32.81 13.27
C ALA D 38 4.37 -32.11 11.96
N LEU D 39 4.86 -32.90 11.01
CA LEU D 39 5.24 -32.43 9.67
C LEU D 39 4.42 -33.15 8.63
N SER D 40 4.00 -32.46 7.55
CA SER D 40 3.47 -33.19 6.37
C SER D 40 4.35 -32.99 5.16
N TYR D 41 4.48 -34.05 4.36
CA TYR D 41 5.28 -34.01 3.13
C TYR D 41 4.45 -34.44 1.92
N GLN D 42 4.89 -34.05 0.74
CA GLN D 42 4.03 -34.11 -0.46
C GLN D 42 3.69 -35.52 -0.98
N ALA D 43 4.72 -36.37 -1.03
CA ALA D 43 4.66 -37.65 -1.77
C ALA D 43 5.68 -38.65 -1.21
N GLU D 44 5.52 -39.93 -1.57
CA GLU D 44 6.35 -40.98 -0.97
C GLU D 44 7.85 -40.88 -1.26
N ARG D 45 8.21 -40.36 -2.42
CA ARG D 45 9.62 -40.04 -2.78
C ARG D 45 10.35 -39.19 -1.71
N LEU D 46 9.60 -38.40 -0.93
CA LEU D 46 10.20 -37.51 0.06
C LEU D 46 10.29 -38.11 1.46
N ARG D 47 9.73 -39.31 1.66
CA ARG D 47 9.63 -39.87 3.02
C ARG D 47 10.98 -40.08 3.70
N PRO D 48 12.02 -40.52 2.95
CA PRO D 48 13.34 -40.71 3.56
C PRO D 48 14.01 -39.41 4.02
N GLU D 49 13.89 -38.35 3.22
CA GLU D 49 14.33 -37.02 3.69
C GLU D 49 13.49 -36.51 4.89
N ALA D 50 12.19 -36.79 4.89
CA ALA D 50 11.28 -36.36 5.98
C ALA D 50 11.62 -37.06 7.31
N GLU D 51 11.90 -38.36 7.22
CA GLU D 51 12.41 -39.14 8.36
C GLU D 51 13.72 -38.55 8.89
N LYS D 52 14.62 -38.12 8.00
CA LYS D 52 15.84 -37.41 8.43
C LYS D 52 15.50 -36.12 9.20
N LEU D 53 14.47 -35.40 8.76
CA LEU D 53 14.08 -34.14 9.39
C LEU D 53 13.47 -34.39 10.77
N ALA D 54 12.62 -35.43 10.90
CA ALA D 54 12.03 -35.76 12.20
C ALA D 54 13.16 -36.13 13.16
N GLU D 55 14.18 -36.80 12.62
CA GLU D 55 15.34 -37.21 13.41
C GLU D 55 16.11 -35.96 13.89
N ALA D 56 16.39 -35.04 12.98
CA ALA D 56 17.05 -33.76 13.30
C ALA D 56 16.30 -32.90 14.35
N LEU D 57 14.97 -33.03 14.42
CA LEU D 57 14.16 -32.32 15.42
C LEU D 57 14.14 -33.01 16.77
N GLY D 58 14.71 -34.21 16.83
CA GLY D 58 14.69 -35.01 18.05
C GLY D 58 13.30 -35.57 18.29
N GLY D 59 12.56 -35.80 17.20
CA GLY D 59 11.24 -36.43 17.29
C GLY D 59 10.14 -35.56 16.69
N ALA D 60 9.49 -36.09 15.65
CA ALA D 60 8.30 -35.48 15.05
C ALA D 60 7.38 -36.57 14.47
N LEU D 61 6.06 -36.37 14.61
CA LEU D 61 5.02 -37.17 13.91
C LEU D 61 5.01 -36.78 12.42
N LEU D 62 4.94 -37.77 11.52
CA LEU D 62 4.95 -37.50 10.07
C LEU D 62 3.62 -37.89 9.39
N PHE D 63 3.15 -37.08 8.44
CA PHE D 63 1.97 -37.40 7.62
C PHE D 63 2.26 -37.09 6.13
N ARG D 64 1.68 -37.87 5.21
CA ARG D 64 1.76 -37.58 3.78
C ARG D 64 0.46 -36.91 3.29
N ALA D 65 0.61 -35.82 2.56
CA ALA D 65 -0.57 -35.10 2.03
C ALA D 65 -0.23 -34.21 0.81
N ASP D 66 -0.88 -34.52 -0.32
CA ASP D 66 -0.88 -33.65 -1.50
C ASP D 66 -2.11 -32.75 -1.41
N VAL D 67 -1.88 -31.43 -1.40
CA VAL D 67 -2.97 -30.46 -1.19
C VAL D 67 -3.93 -30.30 -2.39
N THR D 68 -3.61 -30.86 -3.55
CA THR D 68 -4.57 -30.94 -4.65
C THR D 68 -5.63 -32.04 -4.44
N GLN D 69 -5.45 -32.91 -3.44
CA GLN D 69 -6.41 -34.00 -3.18
C GLN D 69 -7.23 -33.81 -1.87
N ASP D 70 -8.50 -33.43 -1.98
CA ASP D 70 -9.31 -33.20 -0.77
C ASP D 70 -9.41 -34.38 0.19
N GLU D 71 -9.41 -35.60 -0.33
CA GLU D 71 -9.50 -36.78 0.55
C GLU D 71 -8.19 -36.99 1.31
N GLU D 72 -7.03 -36.68 0.71
CA GLU D 72 -5.78 -36.76 1.46
C GLU D 72 -5.80 -35.68 2.59
N LEU D 73 -6.43 -34.54 2.33
CA LEU D 73 -6.59 -33.50 3.36
C LEU D 73 -7.55 -33.93 4.50
N ASP D 74 -8.67 -34.60 4.17
CA ASP D 74 -9.58 -35.09 5.21
C ASP D 74 -8.82 -36.08 6.10
N ALA D 75 -8.07 -37.00 5.47
CA ALA D 75 -7.28 -37.99 6.22
C ALA D 75 -6.21 -37.35 7.13
N LEU D 76 -5.51 -36.33 6.62
CA LEU D 76 -4.54 -35.58 7.44
C LEU D 76 -5.20 -35.03 8.72
N PHE D 77 -6.30 -34.32 8.59
CA PHE D 77 -6.89 -33.70 9.78
C PHE D 77 -7.66 -34.64 10.73
N ALA D 78 -8.09 -35.79 10.23
CA ALA D 78 -8.66 -36.81 11.14
C ALA D 78 -7.50 -37.39 11.94
N GLY D 79 -6.38 -37.58 11.26
CA GLY D 79 -5.14 -38.04 11.88
C GLY D 79 -4.59 -37.12 12.96
N VAL D 80 -4.68 -35.81 12.71
CA VAL D 80 -4.29 -34.80 13.68
C VAL D 80 -5.22 -34.83 14.89
N LYS D 81 -6.53 -34.95 14.69
CA LYS D 81 -7.44 -34.96 15.84
C LYS D 81 -7.16 -36.15 16.77
N GLU D 82 -6.87 -37.30 16.15
CA GLU D 82 -6.61 -38.52 16.92
C GLU D 82 -5.27 -38.45 17.66
N ALA D 83 -4.25 -37.89 17.01
CA ALA D 83 -2.89 -37.85 17.56
C ALA D 83 -2.63 -36.70 18.54
N PHE D 84 -3.37 -35.60 18.40
CA PHE D 84 -3.20 -34.39 19.21
C PHE D 84 -4.42 -34.04 20.06
N GLY D 85 -5.60 -34.43 19.65
CA GLY D 85 -6.85 -33.98 20.30
C GLY D 85 -7.36 -32.60 19.87
N GLY D 86 -6.45 -31.70 19.52
CA GLY D 86 -6.79 -30.33 19.15
C GLY D 86 -5.51 -29.73 18.64
N LEU D 87 -5.53 -28.48 18.19
CA LEU D 87 -4.34 -27.90 17.57
C LEU D 87 -4.23 -26.44 18.02
N ASP D 88 -3.01 -25.99 18.23
CA ASP D 88 -2.72 -24.58 18.54
C ASP D 88 -2.22 -23.84 17.30
N TYR D 89 -1.21 -24.39 16.60
CA TYR D 89 -0.46 -23.73 15.48
C TYR D 89 -0.50 -24.51 14.15
N LEU D 90 -0.62 -23.80 13.02
CA LEU D 90 -0.55 -24.37 11.66
C LEU D 90 0.39 -23.51 10.79
N VAL D 91 1.42 -24.12 10.20
CA VAL D 91 2.32 -23.40 9.32
C VAL D 91 2.09 -23.97 7.91
N HIS D 92 1.81 -23.07 6.96
CA HIS D 92 1.57 -23.38 5.55
C HIS D 92 2.78 -22.86 4.73
N ALA D 93 3.68 -23.80 4.38
CA ALA D 93 4.89 -23.50 3.63
C ALA D 93 4.87 -24.21 2.25
N ILE D 94 3.73 -24.14 1.54
CA ILE D 94 3.54 -24.88 0.27
C ILE D 94 3.43 -23.93 -0.92
N ALA D 95 4.17 -24.19 -1.99
CA ALA D 95 3.97 -23.48 -3.27
C ALA D 95 4.41 -24.33 -4.44
N PHE D 96 3.84 -24.06 -5.60
CA PHE D 96 4.24 -24.73 -6.85
C PHE D 96 3.71 -23.99 -8.07
N ALA D 97 4.58 -23.80 -9.08
CA ALA D 97 4.14 -23.51 -10.44
C ALA D 97 4.95 -24.36 -11.43
N PRO D 98 4.32 -24.84 -12.51
CA PRO D 98 5.05 -25.59 -13.55
C PRO D 98 6.25 -24.85 -14.11
N ARG D 99 7.33 -25.57 -14.35
CA ARG D 99 8.55 -24.96 -14.88
C ARG D 99 8.29 -24.23 -16.20
N GLU D 100 7.36 -24.75 -16.97
CA GLU D 100 6.98 -24.14 -18.25
C GLU D 100 6.44 -22.70 -18.08
N ALA D 101 5.74 -22.48 -16.96
CA ALA D 101 5.12 -21.19 -16.62
C ALA D 101 6.14 -20.19 -16.05
N MET D 102 7.26 -20.70 -15.52
CA MET D 102 8.22 -19.85 -14.79
C MET D 102 9.40 -19.36 -15.64
N GLU D 103 9.51 -19.85 -16.88
CA GLU D 103 10.47 -19.34 -17.87
C GLU D 103 9.66 -18.53 -18.85
N GLY D 104 10.21 -17.44 -19.34
CA GLY D 104 9.52 -16.68 -20.38
C GLY D 104 8.54 -15.71 -19.79
N ARG D 105 7.41 -15.51 -20.48
CA ARG D 105 6.51 -14.40 -20.20
C ARG D 105 5.24 -14.85 -19.49
N TYR D 106 4.81 -14.08 -18.50
CA TYR D 106 3.52 -14.32 -17.85
C TYR D 106 2.38 -14.37 -18.89
N ILE D 107 2.43 -13.47 -19.88
CA ILE D 107 1.37 -13.36 -20.89
C ILE D 107 1.18 -14.65 -21.68
N ASP D 108 2.27 -15.41 -21.81
CA ASP D 108 2.29 -16.69 -22.52
C ASP D 108 1.89 -17.91 -21.64
N THR D 109 1.47 -17.71 -20.39
CA THR D 109 1.07 -18.84 -19.54
C THR D 109 -0.14 -19.64 -20.02
N ARG D 110 0.04 -20.96 -20.12
CA ARG D 110 -1.04 -21.89 -20.46
C ARG D 110 -2.06 -22.02 -19.34
N ARG D 111 -3.34 -22.10 -19.73
CA ARG D 111 -4.50 -22.19 -18.79
C ARG D 111 -4.36 -23.21 -17.65
N GLN D 112 -4.04 -24.46 -18.01
CA GLN D 112 -3.93 -25.48 -16.97
C GLN D 112 -2.72 -25.27 -16.03
N ASP D 113 -1.59 -24.78 -16.55
CA ASP D 113 -0.47 -24.39 -15.70
C ASP D 113 -0.85 -23.28 -14.68
N TRP D 114 -1.58 -22.25 -15.16
CA TRP D 114 -1.98 -21.09 -14.32
C TRP D 114 -2.93 -21.54 -13.25
N LEU D 115 -3.92 -22.35 -13.64
CA LEU D 115 -4.85 -22.93 -12.67
C LEU D 115 -4.13 -23.80 -11.63
N LEU D 116 -3.19 -24.64 -12.06
CA LEU D 116 -2.48 -25.47 -11.08
C LEU D 116 -1.69 -24.63 -10.08
N ALA D 117 -1.01 -23.60 -10.61
CA ALA D 117 -0.21 -22.70 -9.76
C ALA D 117 -1.08 -22.06 -8.68
N LEU D 118 -2.25 -21.56 -9.07
CA LEU D 118 -3.18 -20.92 -8.10
C LEU D 118 -3.75 -21.94 -7.11
N GLU D 119 -4.09 -23.12 -7.61
CA GLU D 119 -4.64 -24.18 -6.75
C GLU D 119 -3.73 -24.60 -5.59
N VAL D 120 -2.47 -24.89 -5.91
CA VAL D 120 -1.49 -25.39 -4.95
C VAL D 120 -1.02 -24.24 -3.98
N SER D 121 -0.76 -23.08 -4.58
CA SER D 121 -0.10 -21.95 -3.88
C SER D 121 -1.00 -20.97 -3.15
N ALA D 122 -2.33 -20.94 -3.43
CA ALA D 122 -3.30 -20.03 -2.75
C ALA D 122 -4.54 -20.75 -2.20
N TYR D 123 -5.22 -21.52 -3.06
CA TYR D 123 -6.43 -22.21 -2.55
C TYR D 123 -6.09 -23.15 -1.41
N SER D 124 -4.90 -23.75 -1.43
CA SER D 124 -4.53 -24.73 -0.42
C SER D 124 -4.64 -24.13 1.00
N LEU D 125 -4.34 -22.84 1.17
CA LEU D 125 -4.52 -22.20 2.48
C LEU D 125 -5.99 -22.25 2.97
N VAL D 126 -6.94 -22.02 2.08
CA VAL D 126 -8.38 -22.03 2.49
C VAL D 126 -8.79 -23.47 2.87
N ALA D 127 -8.38 -24.43 2.05
CA ALA D 127 -8.67 -25.85 2.28
C ALA D 127 -8.18 -26.34 3.64
N VAL D 128 -6.95 -25.96 4.04
CA VAL D 128 -6.38 -26.44 5.32
C VAL D 128 -6.95 -25.66 6.48
N ALA D 129 -7.27 -24.37 6.26
CA ALA D 129 -7.88 -23.54 7.32
C ALA D 129 -9.31 -23.98 7.69
N ARG D 130 -10.09 -24.37 6.70
CA ARG D 130 -11.47 -24.90 6.98
C ARG D 130 -11.42 -26.14 7.88
N ARG D 131 -10.46 -27.02 7.60
CA ARG D 131 -10.35 -28.31 8.29
C ARG D 131 -9.73 -28.18 9.67
N ALA D 132 -8.83 -27.19 9.82
CA ALA D 132 -8.22 -26.88 11.09
C ALA D 132 -9.18 -26.18 12.03
N GLU D 133 -10.12 -25.43 11.51
CA GLU D 133 -10.99 -24.60 12.36
C GLU D 133 -11.57 -25.30 13.62
N PRO D 134 -12.20 -26.48 13.46
CA PRO D 134 -12.84 -27.10 14.66
C PRO D 134 -11.85 -27.58 15.71
N LEU D 135 -10.59 -27.78 15.30
CA LEU D 135 -9.52 -28.23 16.19
C LEU D 135 -8.79 -27.10 16.92
N LEU D 136 -8.76 -25.92 16.30
CA LEU D 136 -7.87 -24.83 16.73
C LEU D 136 -8.41 -24.20 18.02
N ARG D 137 -7.53 -24.11 19.00
CA ARG D 137 -7.90 -23.58 20.30
C ARG D 137 -7.73 -22.04 20.33
N GLU D 138 -8.48 -21.43 21.23
CA GLU D 138 -8.34 -20.01 21.51
C GLU D 138 -6.87 -19.67 21.81
N GLY D 139 -6.42 -18.54 21.28
CA GLY D 139 -4.99 -18.22 21.30
C GLY D 139 -4.16 -18.84 20.17
N GLY D 140 -4.77 -19.73 19.40
CA GLY D 140 -4.06 -20.47 18.32
C GLY D 140 -3.88 -19.63 17.06
N GLY D 141 -3.20 -20.17 16.03
CA GLY D 141 -2.95 -19.39 14.85
C GLY D 141 -2.46 -20.15 13.62
N ILE D 142 -2.57 -19.49 12.47
CA ILE D 142 -2.05 -19.95 11.15
C ILE D 142 -1.03 -18.92 10.58
N VAL D 143 0.11 -19.40 10.08
CA VAL D 143 1.09 -18.54 9.39
C VAL D 143 1.43 -19.16 8.02
N THR D 144 1.48 -18.31 6.98
CA THR D 144 1.90 -18.71 5.60
C THR D 144 3.11 -17.89 5.12
N LEU D 145 3.69 -18.26 3.96
CA LEU D 145 4.86 -17.58 3.44
C LEU D 145 4.57 -16.99 2.05
N THR D 146 4.99 -15.75 1.85
CA THR D 146 4.73 -15.01 0.63
C THR D 146 5.98 -14.31 0.11
N TYR D 147 5.83 -13.53 -0.97
CA TYR D 147 6.97 -12.83 -1.56
C TYR D 147 6.55 -11.53 -2.27
N TYR D 148 7.44 -10.54 -2.19
CA TYR D 148 7.28 -9.16 -2.67
C TYR D 148 6.70 -9.00 -4.06
N ALA D 149 6.90 -9.99 -4.96
CA ALA D 149 6.43 -9.90 -6.33
C ALA D 149 4.87 -9.84 -6.43
N SER D 150 4.17 -10.18 -5.34
CA SER D 150 2.74 -9.86 -5.25
C SER D 150 2.41 -8.34 -5.44
N GLU D 151 3.33 -7.49 -4.98
CA GLU D 151 3.15 -6.05 -5.01
C GLU D 151 3.90 -5.37 -6.19
N LYS D 152 5.10 -5.85 -6.52
CA LYS D 152 5.91 -5.23 -7.59
C LYS D 152 6.47 -6.30 -8.54
N VAL D 153 6.69 -5.93 -9.81
CA VAL D 153 7.05 -6.86 -10.88
C VAL D 153 8.51 -7.34 -10.72
N VAL D 154 8.65 -8.65 -10.52
CA VAL D 154 9.96 -9.33 -10.52
C VAL D 154 9.97 -10.24 -11.76
N PRO D 155 10.78 -9.90 -12.77
CA PRO D 155 10.79 -10.70 -13.99
C PRO D 155 11.08 -12.17 -13.72
N LYS D 156 10.53 -13.04 -14.57
CA LYS D 156 10.55 -14.51 -14.42
C LYS D 156 9.68 -15.12 -13.30
N TYR D 157 9.26 -14.35 -12.28
CA TYR D 157 8.46 -14.94 -11.19
C TYR D 157 7.00 -15.25 -11.66
N ASN D 158 6.51 -14.44 -12.61
CA ASN D 158 5.35 -14.78 -13.46
C ASN D 158 4.12 -15.18 -12.63
N VAL D 159 3.49 -16.31 -12.94
CA VAL D 159 2.24 -16.69 -12.24
C VAL D 159 2.37 -16.81 -10.71
N MET D 160 3.58 -17.07 -10.22
CA MET D 160 3.79 -17.14 -8.77
C MET D 160 3.50 -15.80 -8.06
N ALA D 161 3.83 -14.69 -8.72
CA ALA D 161 3.51 -13.33 -8.24
C ALA D 161 2.00 -13.17 -8.02
N ILE D 162 1.24 -13.63 -9.02
CA ILE D 162 -0.25 -13.56 -8.98
C ILE D 162 -0.81 -14.53 -7.91
N ALA D 163 -0.23 -15.73 -7.75
CA ALA D 163 -0.70 -16.64 -6.66
C ALA D 163 -0.47 -16.04 -5.26
N LYS D 164 0.68 -15.38 -5.08
CA LYS D 164 0.98 -14.70 -3.80
C LYS D 164 0.03 -13.54 -3.51
N ALA D 165 -0.42 -12.82 -4.53
CA ALA D 165 -1.45 -11.78 -4.31
C ALA D 165 -2.74 -12.40 -3.81
N ALA D 166 -3.13 -13.51 -4.43
CA ALA D 166 -4.35 -14.25 -3.97
C ALA D 166 -4.22 -14.79 -2.55
N LEU D 167 -3.03 -15.26 -2.18
CA LEU D 167 -2.80 -15.80 -0.80
C LEU D 167 -2.91 -14.71 0.28
N GLU D 168 -2.30 -13.55 0.01
CA GLU D 168 -2.31 -12.45 0.97
C GLU D 168 -3.73 -11.94 1.20
N ALA D 169 -4.50 -11.80 0.12
CA ALA D 169 -5.97 -11.48 0.26
C ALA D 169 -6.74 -12.55 1.07
N SER D 170 -6.39 -13.83 0.88
CA SER D 170 -7.04 -14.90 1.66
C SER D 170 -6.66 -14.82 3.14
N VAL D 171 -5.40 -14.50 3.44
CA VAL D 171 -4.97 -14.23 4.85
C VAL D 171 -5.89 -13.22 5.57
N ARG D 172 -6.23 -12.12 4.88
CA ARG D 172 -7.08 -11.10 5.50
C ARG D 172 -8.53 -11.58 5.73
N TYR D 173 -9.11 -12.25 4.73
CA TYR D 173 -10.51 -12.75 4.90
C TYR D 173 -10.59 -13.85 5.95
N LEU D 174 -9.54 -14.69 6.01
CA LEU D 174 -9.52 -15.75 7.04
C LEU D 174 -9.31 -15.22 8.48
N ALA D 175 -8.54 -14.13 8.62
CA ALA D 175 -8.37 -13.45 9.90
C ALA D 175 -9.71 -12.89 10.42
N TYR D 176 -10.50 -12.33 9.51
CA TYR D 176 -11.84 -11.82 9.84
C TYR D 176 -12.78 -12.96 10.30
N GLU D 177 -12.75 -14.09 9.62
CA GLU D 177 -13.71 -15.14 9.97
C GLU D 177 -13.29 -15.99 11.18
N LEU D 178 -12.00 -16.17 11.43
CA LEU D 178 -11.53 -16.95 12.59
C LEU D 178 -11.31 -16.10 13.88
N GLY D 179 -11.16 -14.79 13.72
CA GLY D 179 -10.91 -13.90 14.86
C GLY D 179 -11.89 -14.00 16.03
N PRO D 180 -13.21 -14.13 15.75
CA PRO D 180 -14.19 -14.22 16.86
C PRO D 180 -14.00 -15.44 17.80
N LYS D 181 -13.32 -16.48 17.32
CA LYS D 181 -12.92 -17.64 18.13
C LYS D 181 -11.55 -17.52 18.79
N GLY D 182 -10.89 -16.37 18.69
CA GLY D 182 -9.56 -16.20 19.29
C GLY D 182 -8.40 -16.76 18.49
N VAL D 183 -8.62 -16.99 17.20
CA VAL D 183 -7.57 -17.52 16.32
C VAL D 183 -7.01 -16.43 15.36
N ARG D 184 -5.68 -16.35 15.24
CA ARG D 184 -5.02 -15.30 14.40
C ARG D 184 -4.47 -15.91 13.10
N VAL D 185 -4.37 -15.09 12.05
CA VAL D 185 -3.88 -15.52 10.72
C VAL D 185 -2.97 -14.42 10.14
N ASN D 186 -1.72 -14.80 9.80
CA ASN D 186 -0.72 -13.85 9.36
C ASN D 186 0.16 -14.45 8.24
N ALA D 187 0.85 -13.59 7.52
CA ALA D 187 1.82 -14.04 6.47
C ALA D 187 3.21 -13.45 6.74
N ILE D 188 4.25 -14.21 6.38
CA ILE D 188 5.65 -13.78 6.40
C ILE D 188 6.10 -13.58 4.96
N SER D 189 6.50 -12.37 4.57
CA SER D 189 7.11 -12.14 3.25
C SER D 189 8.64 -12.19 3.35
N ALA D 190 9.22 -13.29 2.91
CA ALA D 190 10.68 -13.54 3.03
C ALA D 190 11.43 -13.05 1.80
N GLY D 191 12.66 -12.58 2.00
CA GLY D 191 13.58 -12.32 0.91
C GLY D 191 14.15 -13.64 0.39
N PRO D 192 14.95 -13.57 -0.70
CA PRO D 192 15.48 -14.80 -1.27
C PRO D 192 16.31 -15.62 -0.28
N VAL D 193 16.09 -16.94 -0.27
CA VAL D 193 16.89 -17.93 0.48
C VAL D 193 17.15 -19.17 -0.41
N ARG D 194 18.36 -19.71 -0.37
CA ARG D 194 18.71 -20.91 -1.19
C ARG D 194 17.95 -22.20 -0.77
N THR D 195 16.92 -22.54 -1.53
CA THR D 195 16.09 -23.72 -1.24
C THR D 195 15.80 -24.48 -2.53
N VAL D 196 15.18 -25.66 -2.40
CA VAL D 196 14.81 -26.46 -3.57
C VAL D 196 13.87 -25.67 -4.48
N ALA D 197 12.77 -25.17 -3.91
CA ALA D 197 11.77 -24.39 -4.67
C ALA D 197 12.35 -23.10 -5.28
N ALA D 198 13.23 -22.44 -4.54
CA ALA D 198 13.84 -21.17 -5.00
C ALA D 198 14.83 -21.32 -6.17
N ARG D 199 15.80 -22.23 -6.05
CA ARG D 199 16.87 -22.38 -7.06
C ARG D 199 16.40 -22.91 -8.43
N SER D 200 15.27 -23.61 -8.44
CA SER D 200 14.62 -24.02 -9.69
C SER D 200 14.16 -22.81 -10.48
N ILE D 201 13.78 -21.75 -9.76
CA ILE D 201 13.37 -20.49 -10.39
C ILE D 201 14.59 -19.93 -11.16
N PRO D 202 14.40 -19.60 -12.45
CA PRO D 202 15.49 -19.15 -13.33
C PRO D 202 16.05 -17.77 -12.96
N GLY D 203 15.24 -16.92 -12.34
CA GLY D 203 15.72 -15.62 -11.88
C GLY D 203 16.69 -15.65 -10.70
N PHE D 204 16.78 -16.79 -10.01
CA PHE D 204 17.19 -16.77 -8.59
C PHE D 204 18.52 -16.10 -8.24
N THR D 205 19.62 -16.58 -8.81
CA THR D 205 20.92 -16.02 -8.43
C THR D 205 21.02 -14.52 -8.80
N LYS D 206 20.39 -14.12 -9.91
CA LYS D 206 20.33 -12.69 -10.29
C LYS D 206 19.67 -11.78 -9.23
N MET D 207 18.55 -12.23 -8.64
CA MET D 207 17.86 -11.45 -7.61
C MET D 207 18.57 -11.61 -6.26
N TYR D 208 19.03 -12.82 -5.96
CA TYR D 208 19.88 -13.07 -4.79
C TYR D 208 21.07 -12.08 -4.77
N ASP D 209 21.72 -11.88 -5.90
CA ASP D 209 22.87 -10.95 -6.01
C ASP D 209 22.41 -9.49 -5.94
N ARG D 210 21.31 -9.16 -6.61
CA ARG D 210 20.74 -7.82 -6.50
C ARG D 210 20.40 -7.42 -5.06
N VAL D 211 19.77 -8.32 -4.30
CA VAL D 211 19.32 -7.99 -2.93
C VAL D 211 20.53 -7.62 -2.03
N ALA D 212 21.55 -8.47 -2.03
CA ALA D 212 22.78 -8.21 -1.30
C ALA D 212 23.39 -6.85 -1.61
N GLN D 213 23.32 -6.39 -2.85
CA GLN D 213 23.90 -5.09 -3.19
C GLN D 213 22.95 -3.87 -2.98
N THR D 214 21.65 -4.08 -2.81
CA THR D 214 20.68 -2.96 -2.70
C THR D 214 19.91 -2.84 -1.37
N ALA D 215 19.75 -3.94 -0.64
CA ALA D 215 18.95 -3.92 0.61
C ALA D 215 19.65 -3.11 1.69
N PRO D 216 18.91 -2.40 2.57
CA PRO D 216 19.50 -1.66 3.70
C PRO D 216 20.57 -2.41 4.52
N LEU D 217 20.39 -3.70 4.80
CA LEU D 217 21.41 -4.44 5.59
C LEU D 217 22.65 -4.91 4.79
N ARG D 218 22.63 -4.70 3.48
CA ARG D 218 23.71 -5.10 2.58
C ARG D 218 24.06 -6.58 2.63
N ARG D 219 23.02 -7.40 2.75
CA ARG D 219 23.14 -8.84 2.70
C ARG D 219 21.76 -9.46 2.47
N ASN D 220 21.76 -10.74 2.12
CA ASN D 220 20.55 -11.58 2.14
C ASN D 220 20.23 -12.03 3.57
N ILE D 221 18.96 -12.40 3.77
CA ILE D 221 18.51 -12.96 5.01
C ILE D 221 18.87 -14.46 5.08
N THR D 222 18.74 -15.04 6.26
CA THR D 222 19.02 -16.46 6.51
C THR D 222 17.71 -17.18 6.84
N GLN D 223 17.70 -18.51 6.70
CA GLN D 223 16.49 -19.27 6.99
C GLN D 223 16.14 -19.19 8.48
N GLU D 224 17.14 -19.04 9.34
CA GLU D 224 16.91 -18.84 10.78
C GLU D 224 16.17 -17.54 11.06
N GLU D 225 16.36 -16.50 10.23
CA GLU D 225 15.66 -15.22 10.43
C GLU D 225 14.16 -15.40 10.15
N VAL D 226 13.83 -16.27 9.17
CA VAL D 226 12.43 -16.61 8.89
C VAL D 226 11.84 -17.44 10.04
N GLY D 227 12.59 -18.43 10.51
CA GLY D 227 12.12 -19.22 11.64
C GLY D 227 11.77 -18.39 12.87
N ASN D 228 12.63 -17.45 13.24
CA ASN D 228 12.33 -16.59 14.39
C ASN D 228 11.08 -15.76 14.24
N LEU D 229 10.83 -15.26 13.02
CA LEU D 229 9.58 -14.50 12.82
C LEU D 229 8.35 -15.36 12.91
N GLY D 230 8.38 -16.55 12.33
CA GLY D 230 7.27 -17.51 12.49
C GLY D 230 6.99 -17.87 13.95
N LEU D 231 8.05 -18.14 14.70
CA LEU D 231 7.91 -18.41 16.16
C LEU D 231 7.19 -17.27 16.88
N PHE D 232 7.68 -16.04 16.66
CA PHE D 232 7.04 -14.87 17.31
C PHE D 232 5.54 -14.76 17.00
N LEU D 233 5.20 -14.82 15.70
CA LEU D 233 3.82 -14.59 15.26
C LEU D 233 2.90 -15.62 15.85
N LEU D 234 3.36 -16.86 15.95
CA LEU D 234 2.50 -17.91 16.53
C LEU D 234 2.41 -17.79 18.07
N SER D 235 3.50 -17.35 18.69
CA SER D 235 3.57 -17.28 20.18
C SER D 235 2.59 -16.31 20.79
N PRO D 236 2.35 -16.40 22.12
CA PRO D 236 1.47 -15.39 22.77
C PRO D 236 2.05 -13.97 22.85
N LEU D 237 3.33 -13.79 22.53
CA LEU D 237 3.89 -12.44 22.48
C LEU D 237 3.24 -11.60 21.36
N ALA D 238 2.65 -12.26 20.36
CA ALA D 238 2.03 -11.61 19.21
C ALA D 238 0.53 -11.62 19.29
N SER D 239 -0.04 -11.67 20.51
CA SER D 239 -1.48 -11.84 20.71
C SER D 239 -2.42 -10.72 20.26
N GLY D 240 -1.87 -9.54 19.99
CA GLY D 240 -2.65 -8.45 19.40
C GLY D 240 -2.58 -8.29 17.89
N ILE D 241 -1.85 -9.19 17.22
CA ILE D 241 -1.50 -9.09 15.79
C ILE D 241 -2.22 -10.16 14.97
N THR D 242 -3.12 -9.73 14.09
CA THR D 242 -3.78 -10.58 13.12
C THR D 242 -4.05 -9.82 11.80
N GLY D 243 -4.04 -10.59 10.69
CA GLY D 243 -4.34 -10.05 9.36
C GLY D 243 -3.18 -9.40 8.63
N GLU D 244 -1.96 -9.66 9.08
CA GLU D 244 -0.78 -8.83 8.77
C GLU D 244 0.16 -9.57 7.79
N VAL D 245 0.81 -8.83 6.88
CA VAL D 245 1.97 -9.38 6.11
C VAL D 245 3.22 -8.70 6.65
N VAL D 246 4.11 -9.47 7.28
CA VAL D 246 5.36 -8.94 7.86
C VAL D 246 6.58 -9.35 7.01
N TYR D 247 7.39 -8.37 6.64
CA TYR D 247 8.56 -8.59 5.79
C TYR D 247 9.83 -8.89 6.59
N VAL D 248 10.52 -9.97 6.18
CA VAL D 248 11.86 -10.33 6.68
C VAL D 248 12.72 -10.47 5.43
N ASP D 249 13.23 -9.33 4.98
CA ASP D 249 13.93 -9.26 3.70
C ASP D 249 15.10 -8.28 3.71
N ALA D 250 15.64 -8.01 4.89
CA ALA D 250 16.71 -7.05 5.06
C ALA D 250 16.33 -5.63 4.61
N GLY D 251 15.02 -5.31 4.64
CA GLY D 251 14.53 -4.06 4.07
C GLY D 251 14.50 -3.85 2.57
N TYR D 252 14.78 -4.89 1.77
CA TYR D 252 14.84 -4.72 0.32
C TYR D 252 13.54 -4.06 -0.22
N HIS D 253 12.38 -4.52 0.24
CA HIS D 253 11.11 -4.00 -0.26
C HIS D 253 10.83 -2.50 -0.10
N ILE D 254 11.53 -1.81 0.80
CA ILE D 254 11.30 -0.35 1.00
C ILE D 254 12.06 0.50 -0.03
N MET D 255 13.01 -0.14 -0.75
CA MET D 255 13.91 0.57 -1.68
C MET D 255 13.36 0.88 -3.08
N GLY D 256 13.60 2.11 -3.54
CA GLY D 256 13.35 2.50 -4.93
C GLY D 256 14.63 2.40 -5.77
N MET D 257 14.45 2.48 -7.09
CA MET D 257 15.53 2.40 -8.11
C MET D 257 15.72 0.98 -8.61
NA NA E . -20.97 -21.04 0.67
PA NAD F . 9.75 24.10 -10.37
O1A NAD F . 11.17 24.50 -10.26
O2A NAD F . 8.99 25.21 -11.02
O5B NAD F . 9.17 23.81 -8.88
C5B NAD F . 9.66 24.46 -7.72
C4B NAD F . 8.92 25.79 -7.52
O4B NAD F . 8.71 26.11 -6.15
C3B NAD F . 9.65 26.99 -8.12
O3B NAD F . 9.04 27.39 -9.33
C2B NAD F . 9.56 28.07 -7.05
O2B NAD F . 9.11 29.33 -7.51
C1B NAD F . 8.57 27.51 -6.04
N9A NAD F . 8.85 28.07 -4.72
C8A NAD F . 9.91 27.74 -3.91
N7A NAD F . 9.83 28.47 -2.77
C5A NAD F . 8.74 29.27 -2.85
C6A NAD F . 8.19 30.20 -1.95
N6A NAD F . 8.62 30.18 -0.68
N1A NAD F . 7.03 30.88 -2.31
C2A NAD F . 6.43 30.63 -3.53
N3A NAD F . 6.97 29.70 -4.42
C4A NAD F . 8.10 29.03 -4.08
O3 NAD F . 9.71 22.72 -11.29
PN NAD F . 8.74 21.38 -11.24
O1N NAD F . 9.57 20.18 -11.58
O2N NAD F . 7.51 21.61 -12.01
O5D NAD F . 8.34 21.26 -9.68
C5D NAD F . 7.04 21.55 -9.24
C4D NAD F . 6.55 20.30 -8.53
O4D NAD F . 6.76 19.13 -9.31
C3D NAD F . 7.33 20.13 -7.24
O3D NAD F . 6.43 20.11 -6.16
C2D NAD F . 8.07 18.82 -7.42
O2D NAD F . 8.20 18.08 -6.23
C1D NAD F . 7.19 18.10 -8.44
N1N NAD F . 7.85 16.93 -9.11
C2N NAD F . 9.09 16.98 -9.70
C3N NAD F . 9.64 15.83 -10.29
C7N NAD F . 11.12 15.65 -10.49
O7N NAD F . 11.91 15.04 -9.48
N7N NAD F . 11.65 16.06 -11.64
C4N NAD F . 8.88 14.66 -10.28
C5N NAD F . 7.64 14.63 -9.68
C6N NAD F . 7.11 15.78 -9.10
NA NA G . 23.51 18.01 4.42
NA NA H . -8.02 24.42 15.72
PA NAD I . 10.82 -25.83 -0.47
O1A NAD I . 10.92 -26.57 -1.75
O2A NAD I . 11.75 -26.37 0.54
O5B NAD I . 9.31 -25.94 0.05
C5B NAD I . 8.17 -25.90 -0.81
C4B NAD I . 7.26 -27.08 -0.44
O4B NAD I . 6.06 -27.08 -1.18
C3B NAD I . 7.91 -28.45 -0.68
O3B NAD I . 8.09 -29.13 0.55
C2B NAD I . 6.94 -29.18 -1.61
O2B NAD I . 6.90 -30.59 -1.43
C1B NAD I . 5.65 -28.44 -1.28
N9A NAD I . 4.59 -28.71 -2.28
C8A NAD I . 4.57 -28.34 -3.60
N7A NAD I . 3.43 -28.79 -4.16
C5A NAD I . 2.71 -29.48 -3.24
C6A NAD I . 1.46 -30.16 -3.30
N6A NAD I . 0.75 -30.37 -4.43
N1A NAD I . 1.02 -30.75 -2.15
C2A NAD I . 1.74 -30.68 -0.98
N3A NAD I . 2.96 -30.01 -0.92
C4A NAD I . 3.43 -29.42 -2.05
O3 NAD I . 11.09 -24.24 -0.78
PN NAD I . 10.92 -23.01 0.25
O1N NAD I . 11.72 -21.95 -0.38
O2N NAD I . 11.20 -23.45 1.63
O5D NAD I . 9.37 -22.57 0.11
C5D NAD I . 8.43 -22.65 1.18
C4D NAD I . 7.53 -21.41 1.07
O4D NAD I . 8.32 -20.22 1.20
C3D NAD I . 6.84 -21.29 -0.29
O3D NAD I . 5.50 -20.85 -0.12
C2D NAD I . 7.69 -20.25 -1.04
O2D NAD I . 7.01 -19.58 -2.06
C1D NAD I . 8.01 -19.34 0.14
N1N NAD I . 9.07 -18.35 -0.09
C2N NAD I . 10.36 -18.78 -0.34
C3N NAD I . 11.38 -17.87 -0.56
C7N NAD I . 12.77 -18.38 -0.91
O7N NAD I . 13.69 -17.55 -1.56
N7N NAD I . 13.13 -19.63 -0.62
C4N NAD I . 11.07 -16.49 -0.53
C5N NAD I . 9.77 -16.07 -0.27
C6N NAD I . 8.76 -17.01 -0.05
#